data_5AFV
#
_entry.id   5AFV
#
_cell.length_a   56.129
_cell.length_b   120.180
_cell.length_c   132.393
_cell.angle_alpha   90.00
_cell.angle_beta   90.00
_cell.angle_gamma   90.00
#
_symmetry.space_group_name_H-M   'P 21 21 21'
#
loop_
_entity.id
_entity.type
_entity.pdbx_description
1 polymer 'CHOLINE KINASE ALPHA'
2 non-polymer 1,2-ETHANEDIOL
3 non-polymer 1-benzyl-4-(benzylamino)-1H-1,2,4-triazol-4-ium
4 water water
#
_entity_poly.entity_id   1
_entity_poly.type   'polypeptide(L)'
_entity_poly.pdbx_seq_one_letter_code
;DEQPEPRTRRRAYLWCKEFLPGAWRGLREDEFHISVIRGGLSNMLFQCSLPDTTATLGDEPRKVLLRLYGAILQMRSCNK
EGSEQAQKENEFQGAEAMVLESVMFAILAERSLGPKLYGIFPQGRLEQFIPSRRLDTEELSLPDISAEIAEKMATFHGMK
MPFNKEPKWLFGTMEKYLKEVLRIKFTEESRIKKLHKLLSYNLPLELENLRSLLESTPSPVVFCHNDCQEGNILLLEGRE
NSEKQKLMLIDFEYSSYNYRGFDIGNHFCEWMYDYSYEKYPFFRANIRKYPTKKQQLHFISSYLPAFQNDFENLSTEEKS
IIKEEMLLEVNRFALASHFLWGLWSIVQAKISSIEFGYMDYAQARFDAYFHQKRKLGV
;
_entity_poly.pdbx_strand_id   A,B
#
# COMPACT_ATOMS: atom_id res chain seq x y z
N ASP A 1 5.48 18.72 27.66
CA ASP A 1 4.78 18.52 26.34
C ASP A 1 3.24 18.58 26.47
N GLU A 2 2.50 17.45 26.40
CA GLU A 2 1.01 17.43 26.43
C GLU A 2 0.33 16.04 26.40
N GLN A 3 -0.65 15.84 27.27
CA GLN A 3 -1.42 14.60 27.33
C GLN A 3 -2.75 14.61 26.53
N PRO A 4 -3.02 13.56 25.73
CA PRO A 4 -4.28 13.54 24.98
C PRO A 4 -5.47 13.19 25.84
N GLU A 5 -6.66 13.25 25.27
N GLU A 5 -6.66 13.24 25.23
CA GLU A 5 -7.85 12.96 26.01
CA GLU A 5 -7.90 12.86 25.90
C GLU A 5 -7.86 11.43 26.29
C GLU A 5 -7.85 11.39 26.28
N PRO A 6 -8.59 11.00 27.35
CA PRO A 6 -8.52 9.61 27.86
C PRO A 6 -8.86 8.48 26.87
N ARG A 7 -9.90 8.63 26.08
CA ARG A 7 -10.25 7.72 24.99
C ARG A 7 -9.13 7.52 23.96
N THR A 8 -8.39 8.59 23.67
CA THR A 8 -7.28 8.50 22.76
C THR A 8 -6.13 7.69 23.37
N ARG A 9 -5.75 8.01 24.60
CA ARG A 9 -4.70 7.25 25.29
C ARG A 9 -4.99 5.75 25.25
N ARG A 10 -6.22 5.40 25.55
CA ARG A 10 -6.69 4.03 25.58
C ARG A 10 -6.60 3.35 24.20
N ARG A 11 -7.11 4.02 23.17
CA ARG A 11 -7.09 3.49 21.82
C ARG A 11 -5.68 3.43 21.27
N ALA A 12 -4.87 4.39 21.68
CA ALA A 12 -3.47 4.47 21.28
C ALA A 12 -2.69 3.36 21.91
N TYR A 13 -2.97 3.09 23.17
CA TYR A 13 -2.34 1.94 23.85
C TYR A 13 -2.61 0.63 23.13
N LEU A 14 -3.86 0.42 22.77
CA LEU A 14 -4.31 -0.82 22.13
C LEU A 14 -3.64 -1.04 20.78
N TRP A 15 -3.68 0.00 19.93
CA TRP A 15 -3.00 -0.02 18.63
C TRP A 15 -1.52 -0.34 18.79
N CYS A 16 -0.83 0.33 19.70
CA CYS A 16 0.61 0.04 19.88
C CYS A 16 0.90 -1.42 20.33
N LYS A 17 0.14 -1.90 21.34
CA LYS A 17 0.35 -3.21 21.94
C LYS A 17 0.10 -4.35 20.94
N GLU A 18 -0.91 -4.18 20.08
CA GLU A 18 -1.34 -5.15 19.11
C GLU A 18 -0.54 -5.11 17.78
N PHE A 19 -0.20 -3.91 17.28
CA PHE A 19 0.56 -3.79 16.04
C PHE A 19 2.09 -3.85 16.16
N LEU A 20 2.67 -3.49 17.31
CA LEU A 20 4.12 -3.49 17.48
C LEU A 20 4.61 -4.76 18.21
N PRO A 21 5.78 -5.29 17.80
CA PRO A 21 6.33 -6.49 18.39
C PRO A 21 7.28 -6.24 19.57
N GLY A 22 7.89 -7.33 20.06
CA GLY A 22 8.76 -7.28 21.24
C GLY A 22 8.03 -6.85 22.49
N ALA A 23 8.63 -5.92 23.24
CA ALA A 23 8.14 -5.50 24.55
C ALA A 23 6.77 -4.80 24.51
N TRP A 24 6.36 -4.34 23.33
CA TRP A 24 5.06 -3.71 23.15
C TRP A 24 3.93 -4.68 23.36
N ARG A 25 4.12 -5.92 22.95
CA ARG A 25 3.07 -6.97 23.08
C ARG A 25 2.69 -7.24 24.55
N GLY A 26 3.62 -7.02 25.46
CA GLY A 26 3.37 -7.25 26.89
C GLY A 26 3.39 -6.01 27.78
N LEU A 27 2.86 -4.90 27.26
CA LEU A 27 2.92 -3.65 28.01
C LEU A 27 1.57 -3.53 28.70
N ARG A 28 1.57 -3.02 29.92
CA ARG A 28 0.34 -2.69 30.60
C ARG A 28 -0.09 -1.27 30.32
N GLU A 29 -1.39 -1.00 30.38
CA GLU A 29 -1.87 0.34 30.15
C GLU A 29 -1.17 1.36 31.06
N ASP A 30 -0.78 1.00 32.26
CA ASP A 30 -0.17 2.00 33.12
C ASP A 30 1.31 2.23 32.77
N GLU A 31 1.90 1.41 31.92
CA GLU A 31 3.28 1.65 31.49
C GLU A 31 3.41 2.45 30.16
N PHE A 32 2.28 2.85 29.59
CA PHE A 32 2.24 3.47 28.27
C PHE A 32 2.54 4.95 28.36
N HIS A 33 3.46 5.44 27.54
CA HIS A 33 3.83 6.86 27.50
C HIS A 33 3.39 7.46 26.19
N ILE A 34 2.62 8.54 26.25
CA ILE A 34 2.15 9.21 25.06
C ILE A 34 2.04 10.71 25.34
N SER A 35 2.53 11.53 24.38
CA SER A 35 2.34 12.98 24.42
C SER A 35 1.97 13.47 23.06
N VAL A 36 1.24 14.59 23.04
CA VAL A 36 0.73 15.17 21.81
C VAL A 36 1.80 15.94 21.09
N ILE A 37 2.00 15.67 19.81
CA ILE A 37 2.87 16.49 18.94
C ILE A 37 2.05 17.62 18.28
N ARG A 38 0.93 17.28 17.64
CA ARG A 38 -0.01 18.27 17.09
C ARG A 38 -1.47 17.85 17.24
N GLY A 39 -2.29 18.77 17.73
CA GLY A 39 -3.70 18.52 17.96
C GLY A 39 -4.60 18.88 16.79
N GLY A 40 -5.81 19.35 17.11
CA GLY A 40 -6.77 19.73 16.09
C GLY A 40 -7.80 18.66 15.83
N LEU A 41 -8.70 18.91 14.88
CA LEU A 41 -9.76 17.97 14.53
C LEU A 41 -9.25 16.89 13.58
N SER A 42 -8.23 17.23 12.78
CA SER A 42 -7.70 16.34 11.76
C SER A 42 -6.17 16.17 11.81
N ASN A 43 -5.73 14.98 11.37
CA ASN A 43 -4.33 14.67 11.18
C ASN A 43 -3.42 14.91 12.45
N MET A 44 -3.89 14.38 13.59
CA MET A 44 -3.18 14.54 14.86
C MET A 44 -1.98 13.61 14.95
N LEU A 45 -0.98 14.07 15.67
CA LEU A 45 0.29 13.37 15.82
C LEU A 45 0.64 13.20 17.29
N PHE A 46 0.99 11.98 17.67
CA PHE A 46 1.40 11.69 19.02
C PHE A 46 2.70 10.92 18.97
N GLN A 47 3.58 11.16 19.94
CA GLN A 47 4.73 10.33 20.17
C GLN A 47 4.36 9.29 21.26
N CYS A 48 4.69 8.02 21.01
CA CYS A 48 4.37 6.89 21.89
C CYS A 48 5.66 6.17 22.19
N SER A 49 5.92 5.88 23.47
CA SER A 49 7.14 5.14 23.85
C SER A 49 6.96 4.18 25.01
N LEU A 50 7.95 3.28 25.10
CA LEU A 50 8.14 2.38 26.19
C LEU A 50 8.70 3.13 27.36
N PRO A 51 8.46 2.64 28.58
CA PRO A 51 9.14 3.20 29.75
C PRO A 51 10.65 3.26 29.53
N ASP A 52 11.33 4.20 30.16
CA ASP A 52 12.79 4.25 30.05
C ASP A 52 13.46 3.01 30.64
N THR A 53 12.78 2.35 31.59
CA THR A 53 13.33 1.17 32.28
C THR A 53 13.06 -0.20 31.63
N THR A 54 12.07 -0.29 30.74
CA THR A 54 11.79 -1.52 30.03
C THR A 54 12.86 -1.74 28.95
N ALA A 55 13.35 -2.96 28.82
CA ALA A 55 14.30 -3.30 27.76
C ALA A 55 13.58 -3.85 26.51
N THR A 56 14.18 -3.66 25.36
CA THR A 56 13.62 -4.24 24.16
C THR A 56 14.02 -5.71 24.12
N LEU A 57 13.19 -6.53 23.50
CA LEU A 57 13.42 -7.94 23.39
C LEU A 57 14.27 -8.27 22.17
N GLY A 58 14.14 -7.45 21.11
CA GLY A 58 14.84 -7.63 19.83
C GLY A 58 15.04 -6.28 19.12
N ASP A 59 14.71 -6.20 17.84
CA ASP A 59 14.92 -4.95 17.09
C ASP A 59 13.68 -4.07 16.96
N GLU A 60 12.74 -4.16 17.91
CA GLU A 60 11.53 -3.32 17.89
C GLU A 60 11.86 -1.88 18.31
N PRO A 61 11.05 -0.90 17.91
CA PRO A 61 11.38 0.49 18.24
C PRO A 61 10.94 0.88 19.63
N ARG A 62 11.73 1.70 20.30
CA ARG A 62 11.40 2.27 21.60
C ARG A 62 10.40 3.42 21.54
N LYS A 63 10.39 4.13 20.41
CA LYS A 63 9.57 5.30 20.18
C LYS A 63 8.94 5.20 18.79
N VAL A 64 7.66 5.54 18.67
CA VAL A 64 6.96 5.58 17.40
C VAL A 64 6.09 6.81 17.33
N LEU A 65 5.69 7.13 16.12
CA LEU A 65 4.82 8.24 15.82
C LEU A 65 3.46 7.67 15.40
N LEU A 66 2.41 8.08 16.09
CA LEU A 66 1.07 7.69 15.72
C LEU A 66 0.47 8.86 14.94
N ARG A 67 -0.23 8.57 13.84
CA ARG A 67 -0.99 9.60 13.12
C ARG A 67 -2.42 9.18 12.97
N LEU A 68 -3.36 10.07 13.31
CA LEU A 68 -4.77 9.77 13.19
C LEU A 68 -5.43 10.69 12.25
N TYR A 69 -6.36 10.19 11.46
CA TYR A 69 -7.02 11.02 10.46
C TYR A 69 -7.99 12.08 10.98
N GLY A 70 -9.07 11.66 11.62
CA GLY A 70 -10.18 12.58 11.95
C GLY A 70 -11.21 12.71 10.82
N ALA A 71 -11.05 13.73 9.96
CA ALA A 71 -12.01 14.08 8.89
C ALA A 71 -11.57 13.58 7.52
N GLU A 96 -10.57 6.13 -2.34
CA GLU A 96 -9.60 6.09 -3.45
C GLU A 96 -8.29 6.73 -3.02
N ALA A 97 -8.35 7.99 -2.66
CA ALA A 97 -7.17 8.72 -2.25
C ALA A 97 -6.51 8.03 -1.07
N MET A 98 -7.34 7.50 -0.17
CA MET A 98 -6.86 6.89 1.04
C MET A 98 -6.12 5.58 0.76
N VAL A 99 -6.58 4.83 -0.26
CA VAL A 99 -5.82 3.66 -0.70
C VAL A 99 -4.51 4.06 -1.33
N LEU A 100 -4.54 5.05 -2.22
CA LEU A 100 -3.35 5.46 -2.95
C LEU A 100 -2.28 5.98 -2.01
N GLU A 101 -2.70 6.78 -1.04
CA GLU A 101 -1.81 7.41 -0.09
C GLU A 101 -1.08 6.38 0.77
N SER A 102 -1.82 5.40 1.26
CA SER A 102 -1.26 4.29 2.01
C SER A 102 -0.26 3.44 1.21
N VAL A 103 -0.65 3.08 0.00
CA VAL A 103 0.24 2.31 -0.85
C VAL A 103 1.52 3.15 -1.12
N MET A 104 1.33 4.43 -1.40
CA MET A 104 2.45 5.33 -1.59
C MET A 104 3.37 5.34 -0.35
N PHE A 105 2.81 5.54 0.83
CA PHE A 105 3.63 5.56 2.07
C PHE A 105 4.38 4.22 2.26
N ALA A 106 3.71 3.11 2.00
CA ALA A 106 4.35 1.82 2.16
C ALA A 106 5.49 1.58 1.16
N ILE A 107 5.33 2.07 -0.05
CA ILE A 107 6.42 1.94 -1.02
C ILE A 107 7.61 2.78 -0.57
N LEU A 108 7.40 4.05 -0.25
CA LEU A 108 8.50 4.90 0.17
C LEU A 108 9.27 4.28 1.30
N ALA A 109 8.52 3.76 2.28
CA ALA A 109 9.09 3.01 3.38
C ALA A 109 9.95 1.86 2.94
N GLU A 110 9.47 1.01 2.06
CA GLU A 110 10.28 -0.15 1.63
C GLU A 110 11.57 0.29 0.96
N ARG A 111 11.57 1.46 0.31
CA ARG A 111 12.73 1.91 -0.45
C ARG A 111 13.66 2.80 0.37
N SER A 112 13.33 3.03 1.64
CA SER A 112 14.12 3.90 2.51
C SER A 112 14.05 5.36 2.12
N LEU A 113 12.96 5.80 1.52
CA LEU A 113 12.79 7.22 1.18
C LEU A 113 11.86 7.93 2.13
N GLY A 114 11.34 7.20 3.10
CA GLY A 114 10.42 7.77 4.06
C GLY A 114 10.52 6.94 5.34
N PRO A 115 9.84 7.38 6.40
CA PRO A 115 9.77 6.65 7.65
C PRO A 115 9.16 5.29 7.42
N LYS A 116 9.62 4.31 8.19
CA LYS A 116 9.02 2.97 8.18
C LYS A 116 7.54 2.97 8.55
N LEU A 117 6.82 2.01 7.96
CA LEU A 117 5.41 1.86 8.22
C LEU A 117 5.22 0.67 9.18
N TYR A 118 4.83 0.94 10.43
CA TYR A 118 4.74 -0.12 11.47
C TYR A 118 3.36 -0.68 11.66
N GLY A 119 2.32 0.05 11.32
CA GLY A 119 0.99 -0.49 11.40
C GLY A 119 0.04 0.38 10.65
N ILE A 120 -0.99 -0.23 10.07
CA ILE A 120 -1.97 0.54 9.34
C ILE A 120 -3.37 0.04 9.63
N PHE A 121 -4.25 0.97 9.97
CA PHE A 121 -5.61 0.67 10.40
C PHE A 121 -6.52 1.83 10.01
N PRO A 122 -7.84 1.61 9.99
CA PRO A 122 -8.77 2.64 9.50
C PRO A 122 -8.58 4.05 10.10
N GLN A 123 -8.38 4.13 11.42
CA GLN A 123 -8.28 5.42 12.11
C GLN A 123 -6.97 6.19 11.90
N GLY A 124 -5.95 5.55 11.33
CA GLY A 124 -4.63 6.20 11.18
C GLY A 124 -3.49 5.21 11.04
N ARG A 125 -2.29 5.57 11.49
CA ARG A 125 -1.16 4.64 11.37
C ARG A 125 -0.04 4.89 12.35
N LEU A 126 0.84 3.87 12.42
CA LEU A 126 2.03 3.93 13.25
C LEU A 126 3.23 3.99 12.35
N GLU A 127 4.06 4.99 12.57
CA GLU A 127 5.26 5.26 11.77
C GLU A 127 6.55 5.31 12.59
N GLN A 128 7.67 5.13 11.93
CA GLN A 128 8.94 5.41 12.56
C GLN A 128 9.01 6.87 13.04
N PHE A 129 9.72 7.07 14.14
CA PHE A 129 9.91 8.40 14.72
C PHE A 129 11.30 8.81 14.38
N ILE A 130 11.38 9.92 13.63
CA ILE A 130 12.65 10.43 13.15
C ILE A 130 12.97 11.66 14.01
N PRO A 131 13.96 11.55 14.91
CA PRO A 131 14.42 12.74 15.63
C PRO A 131 14.95 13.79 14.68
N SER A 132 14.42 15.00 14.75
CA SER A 132 14.63 16.00 13.69
C SER A 132 13.88 17.26 14.06
N ARG A 133 13.99 18.27 13.20
CA ARG A 133 13.11 19.41 13.24
C ARG A 133 12.77 19.84 11.81
N ARG A 134 11.67 20.59 11.66
CA ARG A 134 11.32 21.16 10.35
C ARG A 134 12.31 22.31 10.08
N LEU A 135 12.59 22.56 8.81
CA LEU A 135 13.33 23.75 8.41
C LEU A 135 12.46 25.00 8.57
N ASP A 136 13.10 26.13 8.78
CA ASP A 136 12.43 27.44 8.76
C ASP A 136 12.51 27.99 7.34
N THR A 137 11.61 28.90 7.00
CA THR A 137 11.58 29.53 5.70
C THR A 137 12.93 30.14 5.29
N GLU A 138 13.60 30.84 6.20
CA GLU A 138 14.90 31.52 5.94
C GLU A 138 16.02 30.54 5.60
N GLU A 139 15.87 29.29 5.97
CA GLU A 139 16.86 28.28 5.66
C GLU A 139 16.79 27.77 4.23
N LEU A 140 15.67 27.99 3.53
CA LEU A 140 15.51 27.49 2.17
C LEU A 140 16.57 28.04 1.24
N SER A 141 17.06 29.22 1.56
CA SER A 141 18.01 29.94 0.69
C SER A 141 19.49 29.68 1.01
N LEU A 142 19.77 29.02 2.12
CA LEU A 142 21.12 28.52 2.38
C LEU A 142 21.60 27.57 1.25
N PRO A 143 22.75 27.87 0.61
CA PRO A 143 23.31 27.14 -0.55
C PRO A 143 23.37 25.65 -0.38
N ASP A 144 23.88 25.19 0.77
CA ASP A 144 23.99 23.76 1.06
C ASP A 144 22.63 23.08 1.13
N ILE A 145 21.68 23.74 1.78
CA ILE A 145 20.33 23.23 1.92
C ILE A 145 19.62 23.23 0.57
N SER A 146 19.63 24.38 -0.11
CA SER A 146 18.97 24.50 -1.41
C SER A 146 19.49 23.44 -2.41
N ALA A 147 20.79 23.20 -2.39
CA ALA A 147 21.39 22.20 -3.26
C ALA A 147 20.88 20.84 -2.90
N GLU A 148 20.80 20.51 -1.59
CA GLU A 148 20.33 19.18 -1.19
C GLU A 148 18.83 18.98 -1.51
N ILE A 149 18.04 20.03 -1.32
CA ILE A 149 16.62 19.93 -1.67
C ILE A 149 16.50 19.56 -3.14
N ALA A 150 17.31 20.20 -3.98
CA ALA A 150 17.29 19.92 -5.43
C ALA A 150 17.62 18.47 -5.75
N GLU A 151 18.62 17.95 -5.05
CA GLU A 151 19.10 16.59 -5.27
C GLU A 151 17.99 15.58 -4.94
N LYS A 152 17.34 15.78 -3.78
CA LYS A 152 16.26 14.88 -3.34
C LYS A 152 15.02 14.94 -4.23
N MET A 153 14.64 16.15 -4.67
CA MET A 153 13.47 16.30 -5.53
C MET A 153 13.71 15.57 -6.87
N ALA A 154 14.90 15.77 -7.45
CA ALA A 154 15.29 15.07 -8.67
C ALA A 154 15.17 13.56 -8.50
N THR A 155 15.63 13.03 -7.36
CA THR A 155 15.56 11.57 -7.04
C THR A 155 14.12 11.12 -7.00
N PHE A 156 13.34 11.84 -6.24
CA PHE A 156 11.91 11.68 -6.27
C PHE A 156 11.30 11.63 -7.70
N HIS A 157 11.66 12.65 -8.49
CA HIS A 157 11.13 12.83 -9.85
C HIS A 157 11.45 11.65 -10.74
N GLY A 158 12.54 10.96 -10.44
CA GLY A 158 12.99 9.83 -11.24
C GLY A 158 12.42 8.44 -10.94
N MET A 159 11.62 8.29 -9.89
CA MET A 159 11.15 6.95 -9.57
C MET A 159 9.78 6.55 -10.16
N LYS A 160 9.58 5.23 -10.27
CA LYS A 160 8.37 4.61 -10.84
C LYS A 160 7.36 4.39 -9.69
N MET A 161 6.10 4.72 -9.91
CA MET A 161 5.00 4.56 -8.97
C MET A 161 3.79 4.05 -9.72
N PRO A 162 2.99 3.23 -9.05
CA PRO A 162 1.91 2.52 -9.77
C PRO A 162 0.65 3.39 -9.92
N PHE A 163 0.85 4.63 -10.34
CA PHE A 163 -0.23 5.61 -10.40
C PHE A 163 -0.35 6.22 -11.80
N ASN A 164 -1.45 6.94 -12.03
CA ASN A 164 -1.79 7.46 -13.39
C ASN A 164 -0.73 8.43 -13.86
N LYS A 165 -0.23 8.25 -15.06
CA LYS A 165 0.82 9.10 -15.59
C LYS A 165 0.34 10.18 -16.55
N GLU A 166 -0.97 10.26 -16.81
CA GLU A 166 -1.53 11.36 -17.60
C GLU A 166 -1.62 12.56 -16.71
N PRO A 167 -1.04 13.69 -17.13
CA PRO A 167 -0.95 14.83 -16.22
C PRO A 167 -2.24 15.66 -16.07
N LYS A 168 -3.28 15.05 -15.52
CA LYS A 168 -4.56 15.76 -15.32
C LYS A 168 -4.72 16.33 -13.90
N TRP A 169 -3.73 16.11 -13.06
CA TRP A 169 -3.84 16.57 -11.70
C TRP A 169 -4.01 18.09 -11.67
N LEU A 170 -3.19 18.81 -12.43
CA LEU A 170 -3.05 20.26 -12.23
C LEU A 170 -4.31 21.03 -12.64
N PHE A 171 -4.76 20.88 -13.87
CA PHE A 171 -5.95 21.61 -14.34
C PHE A 171 -7.29 20.96 -14.02
N GLY A 172 -7.30 19.64 -13.92
CA GLY A 172 -8.39 18.93 -13.24
C GLY A 172 -8.67 19.50 -11.87
N THR A 173 -7.66 19.59 -11.03
CA THR A 173 -7.86 20.23 -9.73
C THR A 173 -8.27 21.72 -9.72
N MET A 174 -7.60 22.56 -10.49
CA MET A 174 -7.96 23.97 -10.50
C MET A 174 -9.41 24.16 -10.96
N GLU A 175 -9.82 23.42 -11.99
CA GLU A 175 -11.20 23.51 -12.50
C GLU A 175 -12.24 23.15 -11.44
N LYS A 176 -12.01 22.01 -10.81
CA LYS A 176 -12.82 21.57 -9.70
C LYS A 176 -12.95 22.70 -8.67
N TYR A 177 -11.81 23.20 -8.21
CA TYR A 177 -11.84 24.20 -7.13
C TYR A 177 -12.50 25.49 -7.57
N LEU A 178 -12.26 25.87 -8.80
CA LEU A 178 -12.85 27.09 -9.32
C LEU A 178 -14.36 26.99 -9.30
N LYS A 179 -14.88 25.87 -9.78
CA LYS A 179 -16.30 25.63 -9.86
C LYS A 179 -16.94 25.81 -8.47
N GLU A 180 -16.28 25.27 -7.45
CA GLU A 180 -16.76 25.40 -6.07
C GLU A 180 -16.70 26.86 -5.64
N VAL A 181 -15.61 27.55 -5.97
CA VAL A 181 -15.41 28.97 -5.62
C VAL A 181 -16.54 29.84 -6.19
N LEU A 182 -17.00 29.56 -7.39
CA LEU A 182 -18.08 30.37 -7.98
C LEU A 182 -19.41 30.12 -7.21
N ARG A 183 -19.51 28.96 -6.58
CA ARG A 183 -20.73 28.59 -5.81
C ARG A 183 -20.76 29.10 -4.35
N ILE A 184 -19.61 29.44 -3.76
CA ILE A 184 -19.55 29.86 -2.33
C ILE A 184 -20.34 31.15 -2.03
N LYS A 185 -21.17 31.16 -1.01
CA LYS A 185 -21.59 32.44 -0.41
C LYS A 185 -21.26 32.53 1.11
N PHE A 186 -20.66 33.64 1.50
CA PHE A 186 -20.26 33.83 2.88
C PHE A 186 -21.31 34.70 3.55
N THR A 187 -21.44 34.53 4.86
CA THR A 187 -22.34 35.37 5.64
C THR A 187 -21.56 36.52 6.35
N GLU A 188 -20.30 36.31 6.70
CA GLU A 188 -19.52 37.29 7.46
C GLU A 188 -18.98 38.37 6.52
N GLU A 189 -19.06 39.61 7.00
CA GLU A 189 -18.88 40.82 6.20
C GLU A 189 -17.53 40.85 5.45
N SER A 190 -16.43 40.70 6.18
CA SER A 190 -15.11 40.92 5.63
C SER A 190 -14.67 39.83 4.63
N ARG A 191 -15.13 38.60 4.86
CA ARG A 191 -14.96 37.51 3.90
C ARG A 191 -15.77 37.72 2.60
N ILE A 192 -16.96 38.29 2.72
CA ILE A 192 -17.77 38.58 1.57
C ILE A 192 -16.98 39.64 0.75
N LYS A 193 -16.44 40.61 1.47
CA LYS A 193 -15.64 41.68 0.88
C LYS A 193 -14.44 41.12 0.11
N LYS A 194 -13.66 40.28 0.79
CA LYS A 194 -12.47 39.71 0.16
C LYS A 194 -12.87 38.86 -0.99
N LEU A 195 -13.96 38.13 -0.84
CA LEU A 195 -14.38 37.27 -1.95
C LEU A 195 -14.71 38.12 -3.20
N HIS A 196 -15.44 39.22 -3.01
CA HIS A 196 -15.88 40.01 -4.17
C HIS A 196 -14.68 40.58 -4.91
N LYS A 197 -13.67 41.07 -4.18
CA LYS A 197 -12.42 41.52 -4.80
C LYS A 197 -11.68 40.44 -5.64
N LEU A 198 -11.66 39.21 -5.16
CA LEU A 198 -10.98 38.13 -5.87
C LEU A 198 -11.74 37.71 -7.15
N LEU A 199 -13.07 37.61 -7.04
CA LEU A 199 -13.94 37.31 -8.20
C LEU A 199 -13.92 38.39 -9.31
N SER A 200 -13.54 39.61 -8.94
CA SER A 200 -13.48 40.71 -9.87
C SER A 200 -12.30 40.57 -10.82
N TYR A 201 -11.40 39.64 -10.59
CA TYR A 201 -10.34 39.42 -11.56
C TYR A 201 -10.83 38.61 -12.77
N ASN A 202 -12.07 38.14 -12.74
CA ASN A 202 -12.57 37.17 -13.74
C ASN A 202 -11.70 35.90 -13.81
N LEU A 203 -11.86 35.05 -12.80
CA LEU A 203 -11.03 33.90 -12.60
C LEU A 203 -11.20 32.85 -13.68
N PRO A 204 -12.41 32.66 -14.24
CA PRO A 204 -12.57 31.69 -15.35
C PRO A 204 -11.83 32.09 -16.62
N LEU A 205 -11.85 33.36 -16.94
CA LEU A 205 -11.08 33.81 -18.08
C LEU A 205 -9.56 33.73 -17.74
N GLU A 206 -9.17 34.11 -16.54
CA GLU A 206 -7.77 34.09 -16.20
C GLU A 206 -7.26 32.65 -16.22
N LEU A 207 -8.09 31.69 -15.82
CA LEU A 207 -7.68 30.29 -15.93
C LEU A 207 -7.32 29.83 -17.35
N GLU A 208 -8.14 30.20 -18.33
CA GLU A 208 -7.86 29.90 -19.75
C GLU A 208 -6.63 30.61 -20.30
N ASN A 209 -6.34 31.83 -19.86
CA ASN A 209 -5.07 32.44 -20.18
C ASN A 209 -3.91 31.63 -19.61
N LEU A 210 -4.04 31.10 -18.40
CA LEU A 210 -3.01 30.24 -17.85
C LEU A 210 -2.84 28.95 -18.66
N ARG A 211 -3.94 28.30 -19.04
CA ARG A 211 -3.90 27.06 -19.82
C ARG A 211 -3.11 27.25 -21.10
N SER A 212 -3.46 28.30 -21.85
CA SER A 212 -2.73 28.67 -23.09
C SER A 212 -1.26 28.89 -22.88
N LEU A 213 -0.89 29.67 -21.88
CA LEU A 213 0.53 29.87 -21.61
C LEU A 213 1.23 28.53 -21.29
N LEU A 214 0.61 27.70 -20.46
CA LEU A 214 1.30 26.49 -20.02
C LEU A 214 1.31 25.38 -21.11
N GLU A 215 0.24 25.28 -21.90
CA GLU A 215 0.23 24.38 -23.07
C GLU A 215 1.38 24.68 -24.03
N SER A 216 1.81 25.92 -24.13
CA SER A 216 3.00 26.18 -24.94
C SER A 216 4.28 26.30 -24.09
N THR A 217 4.36 25.58 -22.96
CA THR A 217 5.56 25.57 -22.11
C THR A 217 5.95 24.14 -21.78
N PRO A 218 6.83 23.54 -22.56
CA PRO A 218 7.08 22.11 -22.37
C PRO A 218 7.75 21.77 -21.06
N SER A 219 7.26 20.71 -20.41
CA SER A 219 7.78 20.28 -19.11
C SER A 219 7.55 18.76 -18.94
N PRO A 220 8.60 18.01 -18.57
CA PRO A 220 8.41 16.55 -18.42
C PRO A 220 7.46 16.20 -17.28
N VAL A 221 6.63 15.19 -17.50
CA VAL A 221 5.75 14.63 -16.49
C VAL A 221 6.57 13.67 -15.63
N VAL A 222 6.53 13.88 -14.32
CA VAL A 222 7.36 13.12 -13.36
C VAL A 222 6.59 12.99 -12.06
N PHE A 223 7.05 12.09 -11.18
CA PHE A 223 6.36 11.87 -9.90
C PHE A 223 6.69 13.02 -8.94
N CYS A 224 5.71 13.89 -8.69
CA CYS A 224 5.89 15.15 -7.99
C CYS A 224 5.40 15.06 -6.53
N HIS A 225 6.10 15.75 -5.64
CA HIS A 225 5.62 15.95 -4.27
C HIS A 225 4.41 16.93 -4.21
N ASN A 226 4.51 18.06 -4.93
CA ASN A 226 3.47 19.08 -5.11
C ASN A 226 3.25 20.06 -3.98
N ASP A 227 4.09 19.97 -2.99
CA ASP A 227 3.89 20.71 -1.74
C ASP A 227 5.20 20.74 -1.01
N CYS A 228 6.26 20.99 -1.78
CA CYS A 228 7.57 20.92 -1.19
C CYS A 228 7.96 22.22 -0.47
N GLN A 229 7.25 22.52 0.64
CA GLN A 229 7.53 23.61 1.54
C GLN A 229 8.36 23.18 2.79
N GLU A 230 8.94 24.17 3.47
CA GLU A 230 9.80 23.97 4.63
C GLU A 230 9.19 23.11 5.78
N GLY A 231 7.86 23.16 5.93
CA GLY A 231 7.19 22.31 6.91
C GLY A 231 7.35 20.82 6.57
N ASN A 232 7.70 20.50 5.31
CA ASN A 232 7.75 19.16 4.83
C ASN A 232 9.13 18.67 4.54
N ILE A 233 10.12 19.33 5.14
CA ILE A 233 11.52 19.02 4.98
C ILE A 233 12.15 18.95 6.36
N LEU A 234 12.62 17.76 6.73
CA LEU A 234 13.23 17.55 8.04
C LEU A 234 14.72 17.74 7.99
N LEU A 235 15.26 18.46 8.95
CA LEU A 235 16.67 18.44 9.26
C LEU A 235 16.94 17.25 10.22
N LEU A 236 17.67 16.24 9.77
CA LEU A 236 17.92 15.07 10.58
C LEU A 236 18.93 15.31 11.70
N GLU A 237 18.47 15.02 12.92
CA GLU A 237 19.26 15.22 14.14
C GLU A 237 20.55 14.39 14.09
N GLY A 238 21.65 15.01 14.51
CA GLY A 238 22.98 14.41 14.39
C GLY A 238 23.70 14.52 13.05
N ARG A 239 23.04 14.99 11.98
CA ARG A 239 23.71 15.08 10.67
C ARG A 239 23.92 16.51 10.21
N GLU A 240 23.89 17.43 11.15
CA GLU A 240 23.94 18.88 10.86
C GLU A 240 25.31 19.31 10.31
N ASN A 241 26.32 18.44 10.43
CA ASN A 241 27.67 18.62 9.88
C ASN A 241 27.74 18.14 8.45
N SER A 242 27.02 17.06 8.14
CA SER A 242 26.88 16.58 6.77
C SER A 242 26.49 17.74 5.83
N GLU A 243 27.18 17.84 4.69
CA GLU A 243 26.94 18.92 3.74
C GLU A 243 25.78 18.57 2.79
N LYS A 244 25.66 17.28 2.45
CA LYS A 244 24.69 16.83 1.45
C LYS A 244 23.69 15.75 1.90
N GLN A 245 23.75 15.27 3.15
CA GLN A 245 22.81 14.22 3.61
C GLN A 245 22.12 14.47 4.97
N LYS A 246 21.64 15.68 5.18
CA LYS A 246 21.09 16.01 6.46
C LYS A 246 19.60 16.24 6.40
N LEU A 247 18.95 15.85 5.30
CA LEU A 247 17.53 16.15 5.09
C LEU A 247 16.74 15.02 4.55
N MET A 248 15.44 15.14 4.71
CA MET A 248 14.48 14.17 4.21
C MET A 248 13.17 14.88 3.89
N LEU A 249 12.63 14.63 2.69
CA LEU A 249 11.27 15.09 2.34
C LEU A 249 10.18 14.19 2.92
N ILE A 250 9.13 14.80 3.45
CA ILE A 250 7.99 14.05 4.03
C ILE A 250 6.65 14.55 3.54
N ASP A 251 5.60 13.79 3.82
CA ASP A 251 4.23 14.28 3.74
C ASP A 251 3.76 14.42 2.29
N PHE A 252 3.56 13.28 1.66
CA PHE A 252 3.28 13.22 0.26
C PHE A 252 1.80 13.13 0.01
N GLU A 253 0.99 13.80 0.81
CA GLU A 253 -0.46 13.70 0.64
C GLU A 253 -0.94 14.19 -0.70
N TYR A 254 -0.22 15.14 -1.29
CA TYR A 254 -0.65 15.80 -2.50
C TYR A 254 0.05 15.26 -3.75
N SER A 255 0.94 14.28 -3.59
CA SER A 255 1.75 13.74 -4.69
C SER A 255 1.00 13.15 -5.85
N SER A 256 1.54 13.33 -7.07
CA SER A 256 0.94 12.75 -8.28
C SER A 256 1.91 12.86 -9.45
N TYR A 257 1.69 12.13 -10.54
CA TYR A 257 2.37 12.49 -11.75
C TYR A 257 1.93 13.90 -12.21
N ASN A 258 2.90 14.79 -12.37
CA ASN A 258 2.59 16.17 -12.71
C ASN A 258 3.77 16.77 -13.46
N TYR A 259 3.58 17.96 -14.04
CA TYR A 259 4.69 18.66 -14.77
C TYR A 259 5.79 19.03 -13.81
N ARG A 260 7.04 18.79 -14.21
CA ARG A 260 8.19 19.03 -13.32
C ARG A 260 8.30 20.49 -12.92
N GLY A 261 7.96 21.32 -13.85
CA GLY A 261 7.98 22.74 -13.60
C GLY A 261 7.11 23.18 -12.44
N PHE A 262 5.96 22.53 -12.26
CA PHE A 262 5.10 22.84 -11.10
C PHE A 262 5.84 22.60 -9.78
N ASP A 263 6.46 21.44 -9.67
CA ASP A 263 7.08 21.02 -8.40
C ASP A 263 8.13 22.06 -8.00
N ILE A 264 8.97 22.47 -8.96
CA ILE A 264 10.12 23.29 -8.66
C ILE A 264 9.59 24.67 -8.42
N GLY A 265 8.68 25.11 -9.27
CA GLY A 265 8.15 26.50 -9.17
C GLY A 265 7.34 26.67 -7.90
N ASN A 266 6.59 25.65 -7.54
CA ASN A 266 5.88 25.67 -6.25
C ASN A 266 6.91 25.82 -5.13
N HIS A 267 8.00 25.05 -5.18
CA HIS A 267 9.07 25.22 -4.17
C HIS A 267 9.64 26.65 -4.08
N PHE A 268 9.91 27.26 -5.25
CA PHE A 268 10.44 28.62 -5.25
C PHE A 268 9.44 29.67 -4.66
N CYS A 269 8.18 29.56 -5.03
CA CYS A 269 7.13 30.35 -4.39
C CYS A 269 7.19 30.28 -2.85
N GLU A 270 7.40 29.09 -2.31
CA GLU A 270 7.41 28.90 -0.85
C GLU A 270 8.60 29.63 -0.15
N TRP A 271 9.58 30.17 -0.92
CA TRP A 271 10.58 31.02 -0.28
C TRP A 271 9.92 32.33 0.25
N MET A 272 8.74 32.68 -0.29
CA MET A 272 8.08 33.95 -0.02
C MET A 272 7.09 33.89 1.14
N TYR A 273 6.81 32.71 1.66
CA TYR A 273 5.72 32.53 2.66
C TYR A 273 6.25 31.89 3.96
N ASP A 274 6.04 32.58 5.09
CA ASP A 274 6.42 32.11 6.44
C ASP A 274 5.17 31.87 7.29
N TYR A 275 4.97 30.61 7.64
CA TYR A 275 3.82 30.22 8.34
C TYR A 275 4.05 30.13 9.86
N SER A 276 5.19 30.62 10.36
CA SER A 276 5.45 30.60 11.83
C SER A 276 4.98 31.89 12.54
N TYR A 277 4.40 32.84 11.79
CA TYR A 277 3.85 34.05 12.38
C TYR A 277 2.75 33.65 13.39
N GLU A 278 2.77 34.29 14.55
CA GLU A 278 1.96 33.84 15.69
C GLU A 278 0.67 34.64 15.83
N LYS A 279 0.49 35.71 15.05
CA LYS A 279 -0.76 36.48 15.04
C LYS A 279 -1.48 36.39 13.70
N TYR A 280 -2.78 36.60 13.74
CA TYR A 280 -3.61 36.62 12.53
C TYR A 280 -2.99 37.55 11.46
N PRO A 281 -2.93 37.09 10.18
CA PRO A 281 -3.54 35.89 9.60
C PRO A 281 -2.72 34.60 9.71
N PHE A 282 -1.64 34.61 10.50
CA PHE A 282 -0.78 33.45 10.80
C PHE A 282 0.13 33.03 9.65
N PHE A 283 0.39 33.97 8.76
CA PHE A 283 1.49 33.85 7.81
C PHE A 283 2.01 35.23 7.51
N ARG A 284 3.21 35.25 6.93
CA ARG A 284 3.75 36.45 6.32
C ARG A 284 4.21 36.18 4.88
N ALA A 285 3.99 37.16 4.01
CA ALA A 285 4.33 37.11 2.59
C ALA A 285 5.33 38.21 2.25
N ASN A 286 6.38 37.86 1.53
CA ASN A 286 7.37 38.84 1.12
C ASN A 286 7.89 38.53 -0.29
N ILE A 287 7.37 39.28 -1.24
CA ILE A 287 7.67 39.12 -2.65
C ILE A 287 9.15 39.27 -2.98
N ARG A 288 9.83 40.11 -2.22
CA ARG A 288 11.26 40.33 -2.43
CA ARG A 288 11.26 40.34 -2.43
C ARG A 288 12.07 39.10 -2.04
N LYS A 289 11.46 38.17 -1.30
CA LYS A 289 12.16 36.91 -0.91
C LYS A 289 12.21 35.76 -1.92
N TYR A 290 11.52 35.92 -3.06
CA TYR A 290 11.56 34.94 -4.14
C TYR A 290 13.02 34.86 -4.52
N PRO A 291 13.48 33.71 -4.97
CA PRO A 291 14.89 33.56 -5.27
C PRO A 291 15.28 34.36 -6.51
N THR A 292 16.50 34.92 -6.43
CA THR A 292 17.17 35.62 -7.50
C THR A 292 17.51 34.62 -8.59
N LYS A 293 17.80 35.13 -9.77
CA LYS A 293 18.22 34.27 -10.85
C LYS A 293 19.44 33.41 -10.46
N LYS A 294 20.39 34.02 -9.78
CA LYS A 294 21.58 33.38 -9.30
C LYS A 294 21.19 32.20 -8.38
N GLN A 295 20.32 32.49 -7.42
CA GLN A 295 19.81 31.49 -6.52
C GLN A 295 19.03 30.39 -7.24
N GLN A 296 18.28 30.74 -8.27
CA GLN A 296 17.56 29.71 -9.01
C GLN A 296 18.52 28.82 -9.82
N LEU A 297 19.57 29.43 -10.36
CA LEU A 297 20.58 28.66 -11.10
C LEU A 297 21.33 27.71 -10.21
N HIS A 298 21.55 28.09 -8.95
CA HIS A 298 22.23 27.22 -7.98
C HIS A 298 21.35 26.00 -7.78
N PHE A 299 20.06 26.22 -7.63
CA PHE A 299 19.11 25.10 -7.44
C PHE A 299 19.12 24.24 -8.68
N ILE A 300 18.89 24.81 -9.88
CA ILE A 300 18.78 23.91 -11.00
C ILE A 300 20.11 23.27 -11.39
N SER A 301 21.24 23.92 -11.08
CA SER A 301 22.57 23.31 -11.34
C SER A 301 22.78 22.08 -10.51
N SER A 302 22.11 21.98 -9.35
CA SER A 302 22.20 20.80 -8.50
C SER A 302 21.22 19.73 -8.96
N TYR A 303 20.02 20.15 -9.35
CA TYR A 303 18.96 19.27 -9.83
C TYR A 303 19.33 18.45 -11.06
N LEU A 304 19.86 19.17 -12.07
CA LEU A 304 20.02 18.55 -13.39
C LEU A 304 20.96 17.32 -13.44
N PRO A 305 22.17 17.40 -12.85
CA PRO A 305 23.05 16.26 -12.85
C PRO A 305 22.53 15.12 -12.02
N ALA A 306 21.70 15.42 -11.02
CA ALA A 306 21.01 14.39 -10.24
C ALA A 306 19.79 13.81 -10.97
N PHE A 307 19.24 14.52 -11.95
CA PHE A 307 18.04 14.03 -12.65
C PHE A 307 18.35 13.44 -14.02
N GLN A 308 19.32 14.02 -14.75
CA GLN A 308 19.64 13.55 -16.12
C GLN A 308 20.78 12.53 -16.07
N ASN A 309 21.84 12.85 -15.33
CA ASN A 309 22.85 11.86 -14.86
C ASN A 309 24.11 11.71 -15.77
N ASP A 310 23.99 11.99 -17.06
CA ASP A 310 25.15 12.28 -17.91
C ASP A 310 25.13 13.76 -18.35
N PHE A 311 24.60 14.63 -17.48
CA PHE A 311 24.43 16.06 -17.80
C PHE A 311 25.77 16.80 -17.79
N GLU A 312 26.68 16.42 -16.89
CA GLU A 312 27.94 17.17 -16.69
C GLU A 312 28.83 17.17 -17.92
N ASN A 313 28.68 16.13 -18.74
CA ASN A 313 29.53 15.95 -19.91
C ASN A 313 29.16 16.83 -21.09
N LEU A 314 28.02 17.49 -21.02
CA LEU A 314 27.55 18.26 -22.16
C LEU A 314 28.41 19.51 -22.30
N SER A 315 28.43 20.14 -23.48
CA SER A 315 29.23 21.33 -23.69
C SER A 315 28.63 22.48 -22.90
N THR A 316 29.50 23.39 -22.44
CA THR A 316 29.08 24.49 -21.56
C THR A 316 27.94 25.25 -22.18
N GLU A 317 27.98 25.42 -23.50
CA GLU A 317 26.85 26.07 -24.13
C GLU A 317 25.56 25.22 -24.14
N GLU A 318 25.61 23.89 -24.34
CA GLU A 318 24.37 23.09 -24.28
C GLU A 318 23.72 23.14 -22.88
N LYS A 319 24.57 23.05 -21.85
CA LYS A 319 24.12 23.14 -20.46
C LYS A 319 23.45 24.45 -20.22
N SER A 320 24.03 25.50 -20.77
CA SER A 320 23.56 26.85 -20.52
C SER A 320 22.19 27.06 -21.17
N ILE A 321 22.02 26.51 -22.36
CA ILE A 321 20.71 26.53 -23.06
C ILE A 321 19.64 25.76 -22.27
N ILE A 322 20.02 24.61 -21.75
CA ILE A 322 19.08 23.81 -20.95
C ILE A 322 18.65 24.52 -19.66
N LYS A 323 19.62 25.07 -18.95
CA LYS A 323 19.36 25.87 -17.78
C LYS A 323 18.43 27.06 -18.05
N GLU A 324 18.76 27.86 -19.07
CA GLU A 324 17.95 29.04 -19.44
C GLU A 324 16.51 28.67 -19.75
N GLU A 325 16.33 27.61 -20.51
CA GLU A 325 14.98 27.23 -20.79
C GLU A 325 14.29 26.69 -19.52
N MET A 326 15.01 25.99 -18.65
CA MET A 326 14.38 25.49 -17.42
C MET A 326 13.94 26.66 -16.50
N LEU A 327 14.70 27.74 -16.52
CA LEU A 327 14.30 28.92 -15.80
C LEU A 327 12.96 29.46 -16.32
N LEU A 328 12.80 29.50 -17.65
CA LEU A 328 11.50 29.87 -18.20
C LEU A 328 10.37 28.93 -17.74
N GLU A 329 10.63 27.65 -17.95
CA GLU A 329 9.69 26.60 -17.62
C GLU A 329 9.16 26.75 -16.17
N VAL A 330 10.04 26.93 -15.21
CA VAL A 330 9.64 26.86 -13.81
C VAL A 330 8.98 28.14 -13.34
N ASN A 331 9.41 29.28 -13.88
CA ASN A 331 8.79 30.54 -13.52
C ASN A 331 7.41 30.71 -14.12
N ARG A 332 7.16 30.14 -15.29
CA ARG A 332 5.79 30.08 -15.82
C ARG A 332 4.91 29.14 -15.01
N PHE A 333 5.41 27.95 -14.70
CA PHE A 333 4.63 27.03 -13.88
C PHE A 333 4.41 27.56 -12.48
N ALA A 334 5.30 28.41 -11.98
CA ALA A 334 5.06 29.10 -10.70
C ALA A 334 3.73 29.85 -10.62
N LEU A 335 3.27 30.35 -11.76
CA LEU A 335 1.95 30.96 -11.80
C LEU A 335 0.83 29.96 -11.38
N ALA A 336 0.94 28.71 -11.80
CA ALA A 336 -0.02 27.68 -11.44
C ALA A 336 -0.03 27.28 -9.95
N SER A 337 1.10 27.42 -9.28
CA SER A 337 1.17 27.32 -7.83
C SER A 337 0.33 28.40 -7.12
N HIS A 338 0.51 29.66 -7.52
CA HIS A 338 -0.30 30.73 -7.02
C HIS A 338 -1.78 30.53 -7.26
N PHE A 339 -2.12 30.14 -8.47
CA PHE A 339 -3.51 30.06 -8.85
C PHE A 339 -4.20 28.88 -8.14
N LEU A 340 -3.57 27.71 -8.16
CA LEU A 340 -4.12 26.52 -7.46
C LEU A 340 -4.27 26.69 -5.94
N TRP A 341 -3.20 27.09 -5.25
CA TRP A 341 -3.27 27.35 -3.83
C TRP A 341 -4.12 28.56 -3.45
N GLY A 342 -4.17 29.58 -4.29
CA GLY A 342 -5.15 30.66 -4.12
C GLY A 342 -6.59 30.11 -4.06
N LEU A 343 -7.00 29.33 -5.05
CA LEU A 343 -8.39 28.82 -5.13
C LEU A 343 -8.68 27.86 -3.98
N TRP A 344 -7.76 26.93 -3.77
CA TRP A 344 -7.84 25.98 -2.69
C TRP A 344 -8.11 26.70 -1.36
N SER A 345 -7.42 27.81 -1.17
CA SER A 345 -7.48 28.56 0.07
C SER A 345 -8.83 29.22 0.28
N ILE A 346 -9.43 29.73 -0.80
CA ILE A 346 -10.79 30.26 -0.75
C ILE A 346 -11.83 29.21 -0.33
N VAL A 347 -11.73 28.03 -0.89
CA VAL A 347 -12.58 26.94 -0.47
C VAL A 347 -12.33 26.54 1.00
N GLN A 348 -11.09 26.52 1.45
CA GLN A 348 -10.83 26.22 2.86
C GLN A 348 -11.47 27.21 3.83
N ALA A 349 -11.62 28.45 3.39
CA ALA A 349 -12.24 29.50 4.20
C ALA A 349 -13.71 29.26 4.52
N LYS A 350 -14.37 28.50 3.67
CA LYS A 350 -15.74 28.06 3.92
C LYS A 350 -15.73 26.82 4.83
N ILE A 351 -14.95 25.78 4.50
CA ILE A 351 -15.11 24.45 5.12
C ILE A 351 -14.13 24.00 6.21
N SER A 352 -13.04 24.75 6.44
CA SER A 352 -12.10 24.40 7.50
C SER A 352 -12.29 25.31 8.72
N SER A 353 -12.09 24.70 9.90
CA SER A 353 -12.23 25.35 11.21
C SER A 353 -10.87 25.66 11.88
N ILE A 354 -9.80 25.20 11.21
CA ILE A 354 -8.43 25.62 11.45
C ILE A 354 -8.31 27.15 11.45
N GLU A 355 -7.62 27.69 12.45
CA GLU A 355 -7.49 29.12 12.64
C GLU A 355 -6.38 29.56 11.70
N PHE A 356 -6.75 30.20 10.59
CA PHE A 356 -5.77 30.62 9.57
C PHE A 356 -6.52 31.61 8.71
N GLY A 357 -5.84 32.70 8.36
CA GLY A 357 -6.40 33.68 7.44
C GLY A 357 -6.36 33.20 5.99
N TYR A 358 -7.28 32.31 5.68
CA TYR A 358 -7.38 31.68 4.36
C TYR A 358 -7.63 32.71 3.24
N MET A 359 -8.47 33.71 3.52
N MET A 359 -8.48 33.71 3.52
CA MET A 359 -8.84 34.69 2.53
CA MET A 359 -8.84 34.70 2.54
C MET A 359 -7.68 35.65 2.25
C MET A 359 -7.69 35.64 2.26
N ASP A 360 -6.99 36.10 3.31
CA ASP A 360 -5.83 36.95 3.12
C ASP A 360 -4.69 36.22 2.41
N TYR A 361 -4.57 34.93 2.66
CA TYR A 361 -3.57 34.08 2.03
C TYR A 361 -3.92 33.95 0.58
N ALA A 362 -5.19 33.71 0.29
CA ALA A 362 -5.67 33.74 -1.09
C ALA A 362 -5.28 35.04 -1.84
N GLN A 363 -5.54 36.18 -1.24
CA GLN A 363 -5.19 37.47 -1.84
C GLN A 363 -3.69 37.61 -2.02
N ALA A 364 -2.90 37.14 -1.04
CA ALA A 364 -1.43 37.17 -1.18
C ALA A 364 -0.95 36.37 -2.39
N ARG A 365 -1.49 35.17 -2.59
CA ARG A 365 -1.10 34.37 -3.74
C ARG A 365 -1.52 35.03 -5.05
N PHE A 366 -2.71 35.59 -5.08
CA PHE A 366 -3.14 36.26 -6.29
C PHE A 366 -2.35 37.55 -6.61
N ASP A 367 -1.97 38.32 -5.58
CA ASP A 367 -1.00 39.47 -5.76
C ASP A 367 0.31 39.01 -6.40
N ALA A 368 0.82 37.88 -5.93
CA ALA A 368 2.06 37.36 -6.44
C ALA A 368 1.91 36.84 -7.86
N TYR A 369 0.74 36.27 -8.18
CA TYR A 369 0.41 35.83 -9.53
C TYR A 369 0.60 36.99 -10.53
N PHE A 370 -0.04 38.13 -10.22
CA PHE A 370 -0.05 39.30 -11.13
C PHE A 370 1.29 40.00 -11.12
N HIS A 371 2.00 40.04 -9.98
CA HIS A 371 3.38 40.56 -9.97
C HIS A 371 4.27 39.68 -10.83
N GLN A 372 4.15 38.36 -10.66
CA GLN A 372 4.94 37.47 -11.51
C GLN A 372 4.62 37.61 -13.03
N LYS A 373 3.35 37.71 -13.43
CA LYS A 373 3.00 37.90 -14.79
C LYS A 373 3.76 39.10 -15.36
N ARG A 374 3.70 40.19 -14.63
CA ARG A 374 4.39 41.42 -15.00
C ARG A 374 5.89 41.17 -15.15
N LYS A 375 6.49 40.43 -14.21
CA LYS A 375 7.94 40.12 -14.28
C LYS A 375 8.26 39.44 -15.59
N LEU A 376 7.41 38.49 -15.96
CA LEU A 376 7.61 37.72 -17.19
C LEU A 376 7.28 38.49 -18.47
N GLY A 377 6.47 39.54 -18.39
CA GLY A 377 5.92 40.15 -19.59
C GLY A 377 4.90 39.23 -20.27
N VAL A 378 4.15 38.48 -19.48
CA VAL A 378 3.11 37.59 -20.02
C VAL A 378 1.76 38.18 -19.64
N ASP B 1 -6.75 -15.31 -27.52
CA ASP B 1 -8.02 -16.04 -27.26
C ASP B 1 -9.24 -15.12 -27.27
N GLU B 2 -10.43 -15.73 -27.17
CA GLU B 2 -11.69 -14.99 -27.38
C GLU B 2 -11.85 -13.76 -26.46
N GLN B 3 -12.10 -12.61 -27.11
CA GLN B 3 -11.94 -11.29 -26.51
C GLN B 3 -12.98 -11.04 -25.41
N PRO B 4 -12.71 -10.05 -24.54
CA PRO B 4 -13.73 -9.59 -23.61
C PRO B 4 -14.74 -8.75 -24.38
N GLU B 5 -15.82 -8.34 -23.71
CA GLU B 5 -16.81 -7.47 -24.41
C GLU B 5 -16.17 -6.11 -24.68
N PRO B 6 -16.67 -5.36 -25.69
CA PRO B 6 -16.05 -4.08 -26.10
C PRO B 6 -15.95 -3.08 -24.94
N ARG B 7 -16.93 -3.17 -24.03
CA ARG B 7 -17.03 -2.34 -22.81
C ARG B 7 -15.69 -2.31 -22.07
N THR B 8 -15.16 -3.49 -21.79
CA THR B 8 -13.97 -3.61 -21.00
C THR B 8 -12.70 -3.44 -21.85
N ARG B 9 -12.69 -3.89 -23.10
CA ARG B 9 -11.54 -3.62 -23.98
C ARG B 9 -11.16 -2.14 -23.92
N ARG B 10 -12.18 -1.27 -24.00
CA ARG B 10 -11.99 0.19 -23.98
C ARG B 10 -11.36 0.63 -22.67
N ARG B 11 -11.94 0.19 -21.55
CA ARG B 11 -11.47 0.57 -20.23
C ARG B 11 -10.09 0.01 -19.95
N ALA B 12 -9.85 -1.19 -20.46
CA ALA B 12 -8.57 -1.86 -20.31
C ALA B 12 -7.51 -1.16 -21.10
N TYR B 13 -7.87 -0.72 -22.30
CA TYR B 13 -6.95 0.09 -23.12
C TYR B 13 -6.53 1.37 -22.41
N LEU B 14 -7.50 2.06 -21.81
CA LEU B 14 -7.28 3.35 -21.15
C LEU B 14 -6.37 3.17 -19.93
N TRP B 15 -6.71 2.20 -19.08
CA TRP B 15 -5.88 1.85 -17.92
C TRP B 15 -4.45 1.52 -18.31
N CYS B 16 -4.24 0.67 -19.32
CA CYS B 16 -2.86 0.34 -19.73
C CYS B 16 -2.08 1.57 -20.27
N LYS B 17 -2.72 2.35 -21.12
CA LYS B 17 -2.07 3.52 -21.76
C LYS B 17 -1.66 4.58 -20.75
N GLU B 18 -2.52 4.81 -19.76
CA GLU B 18 -2.35 5.84 -18.75
C GLU B 18 -1.43 5.43 -17.59
N PHE B 19 -1.54 4.18 -17.15
CA PHE B 19 -0.71 3.68 -16.03
C PHE B 19 0.67 3.12 -16.41
N LEU B 20 0.83 2.62 -17.63
CA LEU B 20 2.13 2.04 -18.05
C LEU B 20 2.99 3.01 -18.85
N PRO B 21 4.34 2.99 -18.64
CA PRO B 21 5.23 3.94 -19.30
C PRO B 21 5.80 3.41 -20.62
N GLY B 22 6.74 4.16 -21.19
CA GLY B 22 7.35 3.83 -22.47
C GLY B 22 6.33 3.82 -23.61
N ALA B 23 6.37 2.77 -24.42
CA ALA B 23 5.56 2.68 -25.64
C ALA B 23 4.04 2.64 -25.39
N TRP B 24 3.66 2.30 -24.16
CA TRP B 24 2.24 2.23 -23.76
C TRP B 24 1.55 3.58 -23.81
N ARG B 25 2.29 4.62 -23.44
CA ARG B 25 1.75 5.99 -23.40
C ARG B 25 1.32 6.45 -24.80
N GLY B 26 1.98 5.92 -25.82
CA GLY B 26 1.63 6.20 -27.20
C GLY B 26 1.25 4.91 -27.90
N LEU B 27 0.20 4.28 -27.40
CA LEU B 27 -0.44 3.23 -28.10
C LEU B 27 -1.79 3.77 -28.43
N ARG B 28 -2.31 3.37 -29.58
CA ARG B 28 -3.68 3.73 -29.92
C ARG B 28 -4.58 2.51 -29.91
N GLU B 29 -5.87 2.81 -29.85
CA GLU B 29 -6.97 1.82 -29.78
C GLU B 29 -6.74 0.58 -30.64
N ASP B 30 -6.34 0.85 -31.89
CA ASP B 30 -6.17 -0.17 -32.92
C ASP B 30 -4.99 -1.12 -32.68
N GLU B 31 -4.02 -0.69 -31.87
CA GLU B 31 -2.84 -1.51 -31.58
C GLU B 31 -2.92 -2.37 -30.29
N PHE B 32 -4.03 -2.30 -29.56
CA PHE B 32 -4.12 -2.90 -28.23
C PHE B 32 -4.50 -4.38 -28.30
N HIS B 33 -3.73 -5.24 -27.64
CA HIS B 33 -3.99 -6.69 -27.61
C HIS B 33 -4.45 -7.11 -26.21
N ILE B 34 -5.61 -7.73 -26.12
CA ILE B 34 -6.14 -8.23 -24.86
C ILE B 34 -6.91 -9.53 -25.08
N SER B 35 -6.67 -10.52 -24.22
CA SER B 35 -7.45 -11.75 -24.20
C SER B 35 -7.78 -12.14 -22.78
N VAL B 36 -8.89 -12.86 -22.62
CA VAL B 36 -9.36 -13.26 -21.29
C VAL B 36 -8.59 -14.46 -20.76
N ILE B 37 -8.12 -14.37 -19.52
CA ILE B 37 -7.53 -15.53 -18.82
C ILE B 37 -8.61 -16.27 -18.01
N ARG B 38 -9.37 -15.56 -17.17
CA ARG B 38 -10.50 -16.13 -16.42
C ARG B 38 -11.65 -15.14 -16.32
N GLY B 39 -12.85 -15.61 -16.64
CA GLY B 39 -14.04 -14.76 -16.65
C GLY B 39 -14.77 -14.77 -15.33
N GLY B 40 -16.09 -14.70 -15.38
CA GLY B 40 -16.92 -14.76 -14.19
C GLY B 40 -17.36 -13.39 -13.75
N LEU B 41 -18.08 -13.34 -12.64
CA LEU B 41 -18.64 -12.09 -12.11
C LEU B 41 -17.58 -11.32 -11.30
N SER B 42 -16.65 -12.05 -10.70
CA SER B 42 -15.63 -11.47 -9.83
C SER B 42 -14.21 -11.93 -10.18
N ASN B 43 -13.25 -11.07 -9.86
CA ASN B 43 -11.82 -11.37 -9.93
C ASN B 43 -11.35 -11.89 -11.30
N MET B 44 -11.76 -11.18 -12.35
CA MET B 44 -11.42 -11.55 -13.72
C MET B 44 -9.97 -11.23 -14.03
N LEU B 45 -9.38 -12.01 -14.91
CA LEU B 45 -8.00 -11.85 -15.33
C LEU B 45 -7.89 -11.74 -16.85
N PHE B 46 -7.13 -10.76 -17.32
CA PHE B 46 -6.87 -10.59 -18.74
C PHE B 46 -5.38 -10.42 -18.93
N GLN B 47 -4.86 -10.94 -20.04
CA GLN B 47 -3.52 -10.63 -20.47
C GLN B 47 -3.60 -9.47 -21.48
N CYS B 48 -2.71 -8.47 -21.31
CA CYS B 48 -2.65 -7.29 -22.15
C CYS B 48 -1.22 -7.15 -22.70
N SER B 49 -1.06 -6.88 -24.00
CA SER B 49 0.28 -6.70 -24.57
C SER B 49 0.35 -5.70 -25.71
N LEU B 50 1.60 -5.29 -25.97
CA LEU B 50 2.00 -4.47 -27.11
C LEU B 50 2.00 -5.34 -28.36
N PRO B 51 1.82 -4.72 -29.56
CA PRO B 51 2.05 -5.42 -30.81
C PRO B 51 3.42 -6.06 -30.84
N ASP B 52 3.54 -7.17 -31.54
CA ASP B 52 4.80 -7.89 -31.59
C ASP B 52 5.88 -7.07 -32.27
N THR B 53 5.47 -6.12 -33.13
CA THR B 53 6.41 -5.28 -33.89
C THR B 53 6.82 -3.95 -33.24
N THR B 54 6.06 -3.48 -32.25
CA THR B 54 6.41 -2.25 -31.50
C THR B 54 7.60 -2.52 -30.60
N ALA B 55 8.58 -1.61 -30.58
CA ALA B 55 9.73 -1.74 -29.69
C ALA B 55 9.50 -0.99 -28.38
N THR B 56 10.12 -1.47 -27.32
CA THR B 56 10.02 -0.79 -26.04
C THR B 56 11.02 0.35 -26.07
N LEU B 57 10.68 1.41 -25.32
CA LEU B 57 11.51 2.59 -25.27
C LEU B 57 12.57 2.49 -24.18
N GLY B 58 12.26 1.74 -23.12
CA GLY B 58 13.13 1.57 -21.95
C GLY B 58 12.88 0.23 -21.29
N ASP B 59 12.72 0.19 -19.96
CA ASP B 59 12.50 -1.08 -19.27
C ASP B 59 11.03 -1.38 -18.97
N GLU B 60 10.11 -0.82 -19.75
CA GLU B 60 8.68 -1.10 -19.55
C GLU B 60 8.32 -2.53 -20.00
N PRO B 61 7.25 -3.11 -19.46
CA PRO B 61 6.93 -4.48 -19.83
C PRO B 61 6.18 -4.58 -21.14
N ARG B 62 6.43 -5.66 -21.88
CA ARG B 62 5.67 -5.97 -23.09
C ARG B 62 4.30 -6.59 -22.83
N LYS B 63 4.17 -7.29 -21.70
CA LYS B 63 2.98 -8.06 -21.35
C LYS B 63 2.67 -7.80 -19.87
N VAL B 64 1.39 -7.60 -19.55
CA VAL B 64 0.95 -7.39 -18.19
C VAL B 64 -0.35 -8.14 -17.96
N LEU B 65 -0.63 -8.32 -16.68
CA LEU B 65 -1.83 -8.99 -16.20
C LEU B 65 -2.74 -7.95 -15.56
N LEU B 66 -3.98 -7.87 -16.05
CA LEU B 66 -4.98 -6.97 -15.47
C LEU B 66 -5.90 -7.80 -14.60
N ARG B 67 -6.20 -7.34 -13.39
CA ARG B 67 -7.14 -8.03 -12.50
C ARG B 67 -8.22 -7.08 -12.11
N LEU B 68 -9.46 -7.48 -12.29
CA LEU B 68 -10.58 -6.63 -11.94
C LEU B 68 -11.38 -7.26 -10.85
N TYR B 69 -11.86 -6.46 -9.91
CA TYR B 69 -12.63 -6.98 -8.77
C TYR B 69 -14.04 -7.51 -9.11
N GLY B 70 -14.94 -6.66 -9.58
CA GLY B 70 -16.36 -7.04 -9.77
C GLY B 70 -17.19 -6.75 -8.51
N ALA B 71 -17.19 -7.68 -7.56
CA ALA B 71 -17.82 -7.42 -6.25
C ALA B 71 -17.34 -8.36 -5.16
N GLU B 96 -11.75 -1.06 3.59
CA GLU B 96 -10.85 -1.49 4.67
C GLU B 96 -10.00 -2.69 4.23
N ALA B 97 -10.64 -3.83 4.00
CA ALA B 97 -9.94 -5.00 3.54
C ALA B 97 -9.23 -4.73 2.23
N MET B 98 -9.85 -3.92 1.39
CA MET B 98 -9.28 -3.56 0.09
C MET B 98 -8.01 -2.67 0.22
N VAL B 99 -7.96 -1.77 1.20
CA VAL B 99 -6.72 -1.05 1.49
C VAL B 99 -5.62 -1.99 2.00
N LEU B 100 -5.94 -2.86 2.95
CA LEU B 100 -4.94 -3.77 3.50
C LEU B 100 -4.32 -4.66 2.44
N GLU B 101 -5.16 -5.21 1.57
CA GLU B 101 -4.71 -6.14 0.54
C GLU B 101 -3.78 -5.48 -0.49
N SER B 102 -4.11 -4.23 -0.86
CA SER B 102 -3.28 -3.43 -1.75
C SER B 102 -1.90 -3.09 -1.16
N VAL B 103 -1.91 -2.67 0.09
CA VAL B 103 -0.68 -2.38 0.77
C VAL B 103 0.17 -3.65 0.82
N MET B 104 -0.48 -4.75 1.18
CA MET B 104 0.19 -6.04 1.23
C MET B 104 0.81 -6.34 -0.14
N PHE B 105 0.03 -6.20 -1.20
CA PHE B 105 0.54 -6.56 -2.53
C PHE B 105 1.76 -5.71 -2.89
N ALA B 106 1.67 -4.44 -2.58
CA ALA B 106 2.72 -3.52 -2.92
C ALA B 106 4.01 -3.82 -2.16
N ILE B 107 3.90 -4.21 -0.89
CA ILE B 107 5.07 -4.56 -0.13
C ILE B 107 5.72 -5.82 -0.72
N LEU B 108 4.97 -6.87 -0.92
CA LEU B 108 5.53 -8.10 -1.49
C LEU B 108 6.26 -7.79 -2.77
N ALA B 109 5.62 -7.01 -3.62
CA ALA B 109 6.27 -6.55 -4.85
C ALA B 109 7.58 -5.86 -4.60
N GLU B 110 7.66 -4.94 -3.64
CA GLU B 110 8.91 -4.24 -3.40
C GLU B 110 10.02 -5.20 -2.96
N ARG B 111 9.65 -6.30 -2.29
CA ARG B 111 10.64 -7.20 -1.73
C ARG B 111 10.94 -8.35 -2.67
N SER B 112 10.33 -8.37 -3.85
CA SER B 112 10.53 -9.43 -4.83
C SER B 112 9.97 -10.74 -4.37
N LEU B 113 8.92 -10.72 -3.57
CA LEU B 113 8.26 -11.94 -3.14
C LEU B 113 6.94 -12.19 -3.90
N GLY B 114 6.61 -11.28 -4.81
CA GLY B 114 5.40 -11.37 -5.56
C GLY B 114 5.63 -10.63 -6.86
N PRO B 115 4.63 -10.71 -7.78
CA PRO B 115 4.66 -10.00 -9.04
C PRO B 115 4.67 -8.50 -8.79
N LYS B 116 5.35 -7.78 -9.67
CA LYS B 116 5.40 -6.34 -9.60
C LYS B 116 4.04 -5.67 -9.71
N LEU B 117 3.91 -4.53 -9.04
CA LEU B 117 2.67 -3.75 -9.07
C LEU B 117 2.90 -2.58 -10.02
N TYR B 118 2.18 -2.59 -11.15
CA TYR B 118 2.31 -1.52 -12.18
C TYR B 118 1.24 -0.45 -12.12
N GLY B 119 0.06 -0.75 -11.63
CA GLY B 119 -0.93 0.27 -11.52
C GLY B 119 -2.00 -0.14 -10.55
N ILE B 120 -2.56 0.82 -9.85
CA ILE B 120 -3.62 0.54 -8.93
C ILE B 120 -4.74 1.59 -8.98
N PHE B 121 -5.96 1.10 -9.13
CA PHE B 121 -7.12 1.94 -9.33
C PHE B 121 -8.33 1.23 -8.77
N PRO B 122 -9.44 1.96 -8.54
CA PRO B 122 -10.60 1.37 -7.84
C PRO B 122 -11.08 0.01 -8.40
N GLN B 123 -11.16 -0.09 -9.72
CA GLN B 123 -11.72 -1.28 -10.40
C GLN B 123 -10.82 -2.53 -10.41
N GLY B 124 -9.56 -2.40 -10.02
CA GLY B 124 -8.63 -3.53 -10.03
C GLY B 124 -7.19 -3.09 -10.07
N ARG B 125 -6.33 -3.87 -10.73
CA ARG B 125 -4.94 -3.49 -10.87
C ARG B 125 -4.20 -4.14 -12.01
N LEU B 126 -3.03 -3.56 -12.29
CA LEU B 126 -2.12 -4.05 -13.30
C LEU B 126 -0.90 -4.64 -12.61
N GLU B 127 -0.59 -5.90 -12.94
CA GLU B 127 0.52 -6.67 -12.35
C GLU B 127 1.47 -7.22 -13.37
N GLN B 128 2.65 -7.59 -12.91
CA GLN B 128 3.57 -8.34 -13.74
C GLN B 128 2.94 -9.67 -14.19
N PHE B 129 3.29 -10.09 -15.39
CA PHE B 129 2.83 -11.34 -15.97
C PHE B 129 3.96 -12.30 -15.87
N ILE B 130 3.72 -13.39 -15.10
CA ILE B 130 4.74 -14.38 -14.81
C ILE B 130 4.41 -15.60 -15.65
N PRO B 131 5.21 -15.86 -16.69
CA PRO B 131 5.02 -17.10 -17.45
C PRO B 131 5.24 -18.29 -16.55
N SER B 132 4.25 -19.17 -16.48
CA SER B 132 4.22 -20.24 -15.46
C SER B 132 3.00 -21.12 -15.66
N ARG B 133 2.85 -22.11 -14.80
CA ARG B 133 1.58 -22.80 -14.63
C ARG B 133 1.36 -23.10 -13.15
N ARG B 134 0.10 -23.34 -12.78
CA ARG B 134 -0.20 -23.79 -11.41
C ARG B 134 0.30 -25.23 -11.24
N LEU B 135 0.73 -25.58 -10.04
CA LEU B 135 0.95 -26.99 -9.70
C LEU B 135 -0.35 -27.77 -9.68
N ASP B 136 -0.27 -29.08 -9.94
CA ASP B 136 -1.39 -30.00 -9.78
C ASP B 136 -1.30 -30.56 -8.38
N THR B 137 -2.41 -31.09 -7.88
CA THR B 137 -2.44 -31.75 -6.55
C THR B 137 -1.39 -32.83 -6.34
N GLU B 138 -1.23 -33.71 -7.32
CA GLU B 138 -0.27 -34.86 -7.23
C GLU B 138 1.17 -34.40 -7.09
N GLU B 139 1.46 -33.17 -7.48
CA GLU B 139 2.84 -32.65 -7.39
C GLU B 139 3.23 -32.19 -5.99
N LEU B 140 2.26 -32.00 -5.11
CA LEU B 140 2.53 -31.49 -3.76
C LEU B 140 3.42 -32.42 -2.97
N SER B 141 3.34 -33.71 -3.32
CA SER B 141 4.09 -34.74 -2.60
C SER B 141 5.49 -35.03 -3.13
N LEU B 142 5.81 -34.53 -4.33
CA LEU B 142 7.16 -34.62 -4.84
C LEU B 142 8.15 -33.95 -3.86
N PRO B 143 9.13 -34.72 -3.37
CA PRO B 143 10.14 -34.27 -2.39
C PRO B 143 10.77 -32.91 -2.62
N ASP B 144 11.22 -32.66 -3.86
N ASP B 144 11.21 -32.66 -3.85
CA ASP B 144 11.82 -31.38 -4.25
CA ASP B 144 11.81 -31.38 -4.26
C ASP B 144 10.83 -30.22 -4.15
C ASP B 144 10.82 -30.21 -4.14
N ILE B 145 9.61 -30.45 -4.63
CA ILE B 145 8.53 -29.46 -4.54
C ILE B 145 8.15 -29.21 -3.07
N SER B 146 7.87 -30.28 -2.34
CA SER B 146 7.41 -30.15 -0.95
C SER B 146 8.45 -29.38 -0.12
N ALA B 147 9.73 -29.68 -0.36
CA ALA B 147 10.82 -29.02 0.36
C ALA B 147 10.84 -27.56 0.04
N GLU B 148 10.70 -27.20 -1.25
CA GLU B 148 10.70 -25.78 -1.61
C GLU B 148 9.49 -25.04 -1.05
N ILE B 149 8.31 -25.68 -1.07
CA ILE B 149 7.12 -25.04 -0.51
C ILE B 149 7.40 -24.70 0.95
N ALA B 150 8.02 -25.63 1.67
CA ALA B 150 8.38 -25.42 3.07
C ALA B 150 9.31 -24.22 3.29
N GLU B 151 10.32 -24.13 2.43
CA GLU B 151 11.30 -23.04 2.46
C GLU B 151 10.60 -21.70 2.27
N LYS B 152 9.72 -21.60 1.27
CA LYS B 152 9.04 -20.33 0.97
C LYS B 152 8.04 -19.92 2.06
N MET B 153 7.26 -20.88 2.56
CA MET B 153 6.32 -20.59 3.66
C MET B 153 7.07 -20.07 4.90
N ALA B 154 8.17 -20.73 5.25
CA ALA B 154 9.06 -20.26 6.35
C ALA B 154 9.55 -18.85 6.18
N THR B 155 9.99 -18.52 4.97
CA THR B 155 10.42 -17.18 4.65
C THR B 155 9.27 -16.21 4.85
N PHE B 156 8.13 -16.53 4.26
CA PHE B 156 6.89 -15.78 4.47
C PHE B 156 6.62 -15.55 5.95
N HIS B 157 6.70 -16.64 6.71
CA HIS B 157 6.39 -16.63 8.15
C HIS B 157 7.29 -15.72 8.93
N GLY B 158 8.49 -15.48 8.39
CA GLY B 158 9.52 -14.68 9.07
C GLY B 158 9.55 -13.21 8.81
N MET B 159 8.69 -12.73 7.94
CA MET B 159 8.75 -11.29 7.66
C MET B 159 7.76 -10.40 8.46
N LYS B 160 8.12 -9.11 8.56
CA LYS B 160 7.31 -8.09 9.28
C LYS B 160 6.32 -7.50 8.33
N MET B 161 5.10 -7.30 8.80
CA MET B 161 4.05 -6.66 8.08
C MET B 161 3.31 -5.70 9.00
N PRO B 162 2.86 -4.55 8.47
CA PRO B 162 2.24 -3.53 9.29
C PRO B 162 0.81 -3.83 9.67
N PHE B 163 0.55 -5.08 10.07
CA PHE B 163 -0.82 -5.54 10.36
C PHE B 163 -0.92 -6.08 11.79
N ASN B 164 -2.13 -6.26 12.26
CA ASN B 164 -2.42 -6.66 13.66
C ASN B 164 -1.82 -8.01 13.98
N LYS B 165 -1.09 -8.10 15.05
CA LYS B 165 -0.39 -9.32 15.43
C LYS B 165 -1.12 -10.16 16.47
N GLU B 166 -2.25 -9.71 16.99
CA GLU B 166 -3.05 -10.56 17.86
C GLU B 166 -3.79 -11.58 16.99
N PRO B 167 -3.68 -12.88 17.31
CA PRO B 167 -4.19 -13.92 16.44
C PRO B 167 -5.69 -14.16 16.51
N LYS B 168 -6.48 -13.17 16.16
CA LYS B 168 -7.93 -13.32 16.22
C LYS B 168 -8.56 -13.78 14.92
N TRP B 169 -7.75 -13.95 13.90
CA TRP B 169 -8.30 -14.30 12.61
C TRP B 169 -9.06 -15.66 12.68
N LEU B 170 -8.47 -16.65 13.33
CA LEU B 170 -8.93 -18.03 13.17
C LEU B 170 -10.27 -18.30 13.83
N PHE B 171 -10.40 -18.03 15.11
CA PHE B 171 -11.64 -18.23 15.83
C PHE B 171 -12.63 -17.11 15.64
N GLY B 172 -12.13 -15.89 15.46
CA GLY B 172 -12.99 -14.79 14.98
C GLY B 172 -13.71 -15.19 13.71
N THR B 173 -12.97 -15.66 12.72
CA THR B 173 -13.63 -16.12 11.48
C THR B 173 -14.57 -17.37 11.61
N MET B 174 -14.14 -18.41 12.31
CA MET B 174 -15.03 -19.55 12.52
C MET B 174 -16.33 -19.19 13.24
N GLU B 175 -16.25 -18.35 14.28
CA GLU B 175 -17.45 -17.89 14.99
C GLU B 175 -18.42 -17.12 14.08
N LYS B 176 -17.89 -16.16 13.36
CA LYS B 176 -18.66 -15.40 12.40
C LYS B 176 -19.38 -16.35 11.45
N TYR B 177 -18.63 -17.24 10.81
CA TYR B 177 -19.24 -18.13 9.81
C TYR B 177 -20.24 -19.09 10.44
N LEU B 178 -19.91 -19.59 11.62
CA LEU B 178 -20.84 -20.50 12.33
C LEU B 178 -22.19 -19.81 12.59
N LYS B 179 -22.13 -18.56 13.06
CA LYS B 179 -23.32 -17.78 13.34
C LYS B 179 -24.17 -17.68 12.10
N GLU B 180 -23.54 -17.41 10.97
CA GLU B 180 -24.27 -17.30 9.71
C GLU B 180 -24.89 -18.64 9.29
N VAL B 181 -24.12 -19.71 9.42
CA VAL B 181 -24.59 -21.08 9.14
C VAL B 181 -25.83 -21.50 9.94
N LEU B 182 -25.90 -21.12 11.21
CA LEU B 182 -27.07 -21.45 11.99
C LEU B 182 -28.30 -20.71 11.43
N ARG B 183 -28.07 -19.56 10.80
CA ARG B 183 -29.15 -18.73 10.28
C ARG B 183 -29.63 -19.09 8.88
N ILE B 184 -28.80 -19.77 8.08
CA ILE B 184 -29.15 -20.09 6.70
C ILE B 184 -30.42 -20.92 6.61
N LYS B 185 -31.33 -20.55 5.74
CA LYS B 185 -32.30 -21.50 5.27
C LYS B 185 -32.08 -21.66 3.78
N PHE B 186 -32.15 -22.90 3.35
CA PHE B 186 -32.11 -23.18 1.94
C PHE B 186 -33.54 -23.40 1.47
N THR B 187 -33.75 -23.11 0.19
CA THR B 187 -35.03 -23.34 -0.43
C THR B 187 -35.09 -24.70 -1.14
N GLU B 188 -33.98 -25.14 -1.73
CA GLU B 188 -33.98 -26.40 -2.50
C GLU B 188 -33.86 -27.61 -1.58
N GLU B 189 -34.58 -28.66 -1.93
CA GLU B 189 -34.81 -29.83 -1.07
C GLU B 189 -33.51 -30.52 -0.59
N SER B 190 -32.64 -30.85 -1.54
CA SER B 190 -31.43 -31.64 -1.24
C SER B 190 -30.39 -30.87 -0.42
N ARG B 191 -30.32 -29.56 -0.62
CA ARG B 191 -29.46 -28.70 0.19
C ARG B 191 -29.97 -28.55 1.61
N ILE B 192 -31.30 -28.53 1.76
CA ILE B 192 -31.92 -28.49 3.07
C ILE B 192 -31.53 -29.78 3.77
N LYS B 193 -31.58 -30.89 3.03
CA LYS B 193 -31.17 -32.17 3.58
C LYS B 193 -29.73 -32.15 4.06
N LYS B 194 -28.83 -31.76 3.16
CA LYS B 194 -27.42 -31.84 3.46
C LYS B 194 -27.13 -30.94 4.62
N LEU B 195 -27.82 -29.82 4.67
CA LEU B 195 -27.62 -28.94 5.77
C LEU B 195 -28.04 -29.61 7.08
N HIS B 196 -29.17 -30.32 7.07
CA HIS B 196 -29.70 -30.95 8.31
C HIS B 196 -28.73 -31.97 8.89
N LYS B 197 -28.16 -32.81 8.05
CA LYS B 197 -27.08 -33.71 8.45
C LYS B 197 -25.83 -33.02 9.06
N LEU B 198 -25.42 -31.89 8.50
CA LEU B 198 -24.24 -31.20 9.01
C LEU B 198 -24.51 -30.57 10.39
N LEU B 199 -25.67 -29.96 10.53
CA LEU B 199 -26.09 -29.38 11.82
C LEU B 199 -26.28 -30.41 12.95
N SER B 200 -26.51 -31.67 12.59
CA SER B 200 -26.71 -32.73 13.55
C SER B 200 -25.41 -33.12 14.22
N TYR B 201 -24.26 -32.61 13.76
CA TYR B 201 -23.04 -32.83 14.51
C TYR B 201 -22.88 -31.91 15.69
N ASN B 202 -23.80 -30.97 15.89
CA ASN B 202 -23.72 -29.97 16.97
C ASN B 202 -22.45 -29.14 16.89
N LEU B 203 -22.46 -28.27 15.90
CA LEU B 203 -21.28 -27.49 15.50
C LEU B 203 -20.84 -26.51 16.61
N PRO B 204 -21.79 -25.95 17.39
CA PRO B 204 -21.35 -25.03 18.43
C PRO B 204 -20.59 -25.74 19.56
N LEU B 205 -21.04 -26.93 19.94
CA LEU B 205 -20.31 -27.70 20.92
C LEU B 205 -18.96 -28.12 20.35
N GLU B 206 -18.98 -28.56 19.11
CA GLU B 206 -17.74 -29.01 18.50
C GLU B 206 -16.72 -27.87 18.39
N LEU B 207 -17.16 -26.66 18.07
CA LEU B 207 -16.23 -25.54 18.08
C LEU B 207 -15.50 -25.30 19.43
N GLU B 208 -16.22 -25.40 20.55
CA GLU B 208 -15.59 -25.30 21.89
C GLU B 208 -14.64 -26.46 22.23
N ASN B 209 -14.94 -27.67 21.78
CA ASN B 209 -13.96 -28.73 21.90
C ASN B 209 -12.68 -28.37 21.15
N LEU B 210 -12.81 -27.76 19.98
CA LEU B 210 -11.65 -27.36 19.23
C LEU B 210 -10.85 -26.29 19.98
N ARG B 211 -11.52 -25.26 20.55
CA ARG B 211 -10.86 -24.18 21.20
C ARG B 211 -10.00 -24.71 22.31
N SER B 212 -10.59 -25.56 23.14
CA SER B 212 -9.87 -26.16 24.21
C SER B 212 -8.64 -26.95 23.75
N LEU B 213 -8.79 -27.76 22.72
CA LEU B 213 -7.64 -28.48 22.24
C LEU B 213 -6.55 -27.50 21.77
N LEU B 214 -6.94 -26.50 21.03
CA LEU B 214 -5.92 -25.66 20.40
C LEU B 214 -5.31 -24.70 21.41
N GLU B 215 -6.08 -24.25 22.39
CA GLU B 215 -5.52 -23.39 23.43
C GLU B 215 -4.44 -24.08 24.23
N SER B 216 -4.50 -25.40 24.36
CA SER B 216 -3.39 -26.08 25.01
C SER B 216 -2.40 -26.66 24.00
N THR B 217 -2.30 -26.06 22.81
CA THR B 217 -1.35 -26.50 21.74
C THR B 217 -0.56 -25.27 21.28
N PRO B 218 0.62 -25.03 21.87
CA PRO B 218 1.38 -23.82 21.55
C PRO B 218 1.81 -23.75 20.12
N SER B 219 1.63 -22.59 19.51
CA SER B 219 2.05 -22.37 18.11
C SER B 219 2.40 -20.93 17.90
N PRO B 220 3.62 -20.66 17.45
CA PRO B 220 3.97 -19.23 17.21
C PRO B 220 3.03 -18.53 16.22
N VAL B 221 2.71 -17.27 16.51
CA VAL B 221 1.95 -16.40 15.66
C VAL B 221 2.91 -15.79 14.65
N VAL B 222 2.59 -15.90 13.38
CA VAL B 222 3.46 -15.49 12.27
C VAL B 222 2.61 -15.00 11.13
N PHE B 223 3.22 -14.34 10.13
CA PHE B 223 2.48 -13.89 8.98
C PHE B 223 2.18 -15.05 8.02
N CYS B 224 0.91 -15.44 7.96
CA CYS B 224 0.48 -16.65 7.29
C CYS B 224 -0.16 -16.33 5.95
N HIS B 225 0.01 -17.24 5.00
CA HIS B 225 -0.78 -17.20 3.77
C HIS B 225 -2.25 -17.59 3.97
N ASN B 226 -2.48 -18.69 4.73
CA ASN B 226 -3.79 -19.24 5.11
C ASN B 226 -4.60 -19.96 4.02
N ASP B 227 -3.99 -20.17 2.88
CA ASP B 227 -4.68 -20.75 1.71
C ASP B 227 -3.65 -21.34 0.76
N CYS B 228 -2.66 -22.01 1.33
CA CYS B 228 -1.52 -22.45 0.54
C CYS B 228 -1.80 -23.75 -0.20
N GLN B 229 -2.72 -23.70 -1.15
CA GLN B 229 -3.05 -24.82 -2.01
C GLN B 229 -2.37 -24.72 -3.36
N GLU B 230 -2.37 -25.85 -4.10
CA GLU B 230 -1.72 -25.97 -5.41
C GLU B 230 -2.13 -24.89 -6.48
N GLY B 231 -3.35 -24.41 -6.41
CA GLY B 231 -3.79 -23.31 -7.27
C GLY B 231 -3.08 -21.99 -7.02
N ASN B 232 -2.39 -21.88 -5.87
CA ASN B 232 -1.74 -20.67 -5.47
C ASN B 232 -0.23 -20.80 -5.43
N ILE B 233 0.30 -21.81 -6.14
CA ILE B 233 1.73 -22.08 -6.24
C ILE B 233 2.07 -22.20 -7.72
N LEU B 234 2.88 -21.27 -8.23
CA LEU B 234 3.31 -21.26 -9.64
C LEU B 234 4.62 -21.99 -9.88
N LEU B 235 4.65 -22.85 -10.88
CA LEU B 235 5.88 -23.43 -11.38
C LEU B 235 6.46 -22.47 -12.43
N LEU B 236 7.62 -21.89 -12.16
CA LEU B 236 8.12 -20.84 -13.01
C LEU B 236 8.73 -21.41 -14.30
N GLU B 237 8.21 -20.93 -15.42
CA GLU B 237 8.63 -21.34 -16.76
C GLU B 237 10.12 -21.10 -16.94
N GLY B 238 10.82 -22.09 -17.50
CA GLY B 238 12.26 -22.03 -17.62
C GLY B 238 13.10 -22.40 -16.40
N ARG B 239 12.49 -22.66 -15.23
CA ARG B 239 13.28 -23.09 -14.05
C ARG B 239 12.97 -24.50 -13.59
N GLU B 240 12.40 -25.29 -14.48
CA GLU B 240 11.91 -26.63 -14.16
C GLU B 240 13.01 -27.61 -13.79
N ASN B 241 14.25 -27.25 -14.00
CA ASN B 241 15.33 -28.08 -13.52
C ASN B 241 16.08 -27.56 -12.32
N SER B 242 15.94 -26.28 -11.99
CA SER B 242 16.28 -25.82 -10.65
C SER B 242 15.63 -26.74 -9.59
N GLU B 243 16.40 -27.08 -8.56
CA GLU B 243 15.93 -28.02 -7.54
C GLU B 243 15.17 -27.28 -6.44
N LYS B 244 15.60 -26.05 -6.13
CA LYS B 244 15.07 -25.29 -5.02
C LYS B 244 14.50 -23.91 -5.36
N GLN B 245 14.54 -23.46 -6.61
CA GLN B 245 14.04 -22.14 -6.97
C GLN B 245 13.14 -22.11 -8.23
N LYS B 246 12.19 -23.02 -8.28
CA LYS B 246 11.31 -23.06 -9.42
C LYS B 246 9.87 -22.68 -9.12
N LEU B 247 9.63 -22.10 -7.94
CA LEU B 247 8.27 -21.80 -7.52
C LEU B 247 8.09 -20.43 -6.93
N MET B 248 6.82 -20.02 -6.89
CA MET B 248 6.42 -18.78 -6.24
C MET B 248 5.03 -18.93 -5.64
N LEU B 249 4.84 -18.51 -4.38
CA LEU B 249 3.50 -18.45 -3.78
C LEU B 249 2.79 -17.20 -4.21
N ILE B 250 1.51 -17.32 -4.58
CA ILE B 250 0.69 -16.16 -4.93
C ILE B 250 -0.62 -16.10 -4.17
N ASP B 251 -1.31 -14.96 -4.29
CA ASP B 251 -2.69 -14.84 -3.92
C ASP B 251 -2.89 -14.85 -2.40
N PHE B 252 -2.54 -13.74 -1.79
CA PHE B 252 -2.51 -13.66 -0.35
C PHE B 252 -3.73 -12.98 0.18
N GLU B 253 -4.85 -13.13 -0.51
CA GLU B 253 -6.04 -12.37 -0.12
C GLU B 253 -6.58 -12.82 1.26
N TYR B 254 -6.21 -14.02 1.74
CA TYR B 254 -6.65 -14.50 3.04
C TYR B 254 -5.60 -14.35 4.14
N SER B 255 -4.43 -13.82 3.80
CA SER B 255 -3.28 -13.62 4.71
C SER B 255 -3.55 -12.85 5.97
N SER B 256 -2.96 -13.27 7.06
CA SER B 256 -3.10 -12.54 8.34
C SER B 256 -2.07 -13.05 9.33
N TYR B 257 -1.80 -12.31 10.39
CA TYR B 257 -1.07 -12.93 11.48
C TYR B 257 -1.93 -14.06 12.08
N ASN B 258 -1.38 -15.27 12.18
CA ASN B 258 -2.15 -16.44 12.59
C ASN B 258 -1.19 -17.47 13.10
N TYR B 259 -1.69 -18.51 13.75
CA TYR B 259 -0.85 -19.60 14.25
C TYR B 259 -0.17 -20.31 13.10
N ARG B 260 1.13 -20.55 13.27
CA ARG B 260 1.92 -21.24 12.26
C ARG B 260 1.36 -22.64 11.94
N GLY B 261 0.90 -23.33 12.97
CA GLY B 261 0.31 -24.65 12.79
C GLY B 261 -0.87 -24.67 11.83
N PHE B 262 -1.69 -23.63 11.79
CA PHE B 262 -2.75 -23.57 10.79
C PHE B 262 -2.21 -23.54 9.34
N ASP B 263 -1.21 -22.71 9.09
CA ASP B 263 -0.71 -22.53 7.72
C ASP B 263 -0.18 -23.88 7.21
N ILE B 264 0.57 -24.61 8.05
CA ILE B 264 1.20 -25.87 7.65
C ILE B 264 0.16 -26.98 7.59
N GLY B 265 -0.69 -27.06 8.59
CA GLY B 265 -1.77 -28.08 8.60
C GLY B 265 -2.78 -27.89 7.46
N ASN B 266 -3.12 -26.63 7.15
CA ASN B 266 -3.96 -26.38 6.02
C ASN B 266 -3.31 -26.89 4.72
N HIS B 267 -2.03 -26.61 4.55
CA HIS B 267 -1.32 -27.10 3.36
C HIS B 267 -1.39 -28.63 3.26
N PHE B 268 -1.24 -29.33 4.38
CA PHE B 268 -1.26 -30.80 4.38
C PHE B 268 -2.62 -31.31 3.99
N CYS B 269 -3.69 -30.71 4.53
CA CYS B 269 -5.04 -31.04 4.14
C CYS B 269 -5.21 -31.00 2.62
N GLU B 270 -4.62 -29.99 1.97
CA GLU B 270 -4.78 -29.77 0.55
C GLU B 270 -4.13 -30.85 -0.31
N TRP B 271 -3.35 -31.75 0.28
CA TRP B 271 -2.87 -32.92 -0.45
C TRP B 271 -4.06 -33.84 -0.78
N MET B 272 -5.13 -33.74 -0.04
CA MET B 272 -6.28 -34.64 -0.18
C MET B 272 -7.35 -34.14 -1.18
N TYR B 273 -7.23 -32.90 -1.68
CA TYR B 273 -8.32 -32.25 -2.47
C TYR B 273 -7.85 -31.80 -3.85
N ASP B 274 -8.51 -32.30 -4.89
CA ASP B 274 -8.18 -32.00 -6.29
C ASP B 274 -9.35 -31.30 -6.93
N TYR B 275 -9.13 -30.05 -7.30
CA TYR B 275 -10.16 -29.21 -7.82
C TYR B 275 -10.15 -29.18 -9.35
N SER B 276 -9.35 -30.03 -10.01
CA SER B 276 -9.30 -30.04 -11.51
C SER B 276 -10.32 -31.03 -12.11
N TYR B 277 -11.08 -31.72 -11.27
CA TYR B 277 -12.14 -32.62 -11.73
C TYR B 277 -13.14 -31.81 -12.55
N GLU B 278 -13.55 -32.37 -13.68
CA GLU B 278 -14.33 -31.61 -14.65
C GLU B 278 -15.84 -31.85 -14.54
N LYS B 279 -16.26 -32.83 -13.75
CA LYS B 279 -17.68 -33.09 -13.56
C LYS B 279 -18.09 -32.80 -12.11
N TYR B 280 -19.36 -32.49 -11.93
CA TYR B 280 -19.91 -32.25 -10.60
C TYR B 280 -19.44 -33.38 -9.65
N PRO B 281 -19.01 -33.04 -8.42
CA PRO B 281 -19.09 -31.73 -7.75
C PRO B 281 -17.91 -30.81 -8.03
N PHE B 282 -17.09 -31.18 -9.00
CA PHE B 282 -15.93 -30.40 -9.45
C PHE B 282 -14.77 -30.40 -8.43
N PHE B 283 -14.74 -31.44 -7.59
CA PHE B 283 -13.56 -31.78 -6.83
C PHE B 283 -13.52 -33.29 -6.59
N ARG B 284 -12.35 -33.81 -6.19
CA ARG B 284 -12.23 -35.11 -5.58
C ARG B 284 -11.52 -35.00 -4.24
N ALA B 285 -11.99 -35.82 -3.30
CA ALA B 285 -11.41 -35.96 -1.96
C ALA B 285 -10.89 -37.38 -1.74
N ASN B 286 -9.66 -37.48 -1.23
CA ASN B 286 -9.06 -38.77 -0.93
C ASN B 286 -8.24 -38.73 0.35
N ILE B 287 -8.83 -39.28 1.41
CA ILE B 287 -8.25 -39.30 2.75
C ILE B 287 -6.90 -40.01 2.81
N ARG B 288 -6.72 -41.03 1.98
CA ARG B 288 -5.48 -41.78 1.95
C ARG B 288 -4.35 -40.93 1.39
N LYS B 289 -4.66 -39.83 0.70
CA LYS B 289 -3.61 -38.97 0.14
C LYS B 289 -2.99 -37.94 1.12
N TYR B 290 -3.48 -37.86 2.37
CA TYR B 290 -2.84 -37.04 3.40
C TYR B 290 -1.40 -37.53 3.52
N PRO B 291 -0.45 -36.64 3.83
CA PRO B 291 0.95 -37.03 3.93
C PRO B 291 1.21 -37.93 5.06
N THR B 292 2.06 -38.92 4.79
CA THR B 292 2.57 -39.85 5.78
C THR B 292 3.47 -39.12 6.76
N LYS B 293 3.76 -39.77 7.88
CA LYS B 293 4.69 -39.19 8.87
C LYS B 293 6.04 -38.88 8.23
N LYS B 294 6.52 -39.79 7.41
CA LYS B 294 7.77 -39.61 6.67
C LYS B 294 7.69 -38.35 5.84
N GLN B 295 6.62 -38.25 5.06
CA GLN B 295 6.40 -37.09 4.24
C GLN B 295 6.25 -35.78 5.04
N GLN B 296 5.60 -35.85 6.20
CA GLN B 296 5.48 -34.65 7.02
C GLN B 296 6.81 -34.22 7.61
N LEU B 297 7.65 -35.19 8.00
CA LEU B 297 9.01 -34.90 8.49
C LEU B 297 9.90 -34.26 7.43
N HIS B 298 9.72 -34.66 6.18
CA HIS B 298 10.49 -34.07 5.08
C HIS B 298 10.09 -32.61 4.95
N PHE B 299 8.80 -32.32 5.02
CA PHE B 299 8.34 -30.91 4.97
C PHE B 299 8.89 -30.15 6.16
N ILE B 300 8.71 -30.61 7.38
CA ILE B 300 9.14 -29.78 8.50
C ILE B 300 10.66 -29.70 8.66
N SER B 301 11.39 -30.73 8.21
CA SER B 301 12.86 -30.67 8.17
C SER B 301 13.37 -29.56 7.26
N SER B 302 12.60 -29.21 6.24
CA SER B 302 13.01 -28.15 5.32
C SER B 302 12.60 -26.78 5.89
N TYR B 303 11.43 -26.73 6.53
CA TYR B 303 10.85 -25.53 7.12
C TYR B 303 11.72 -24.96 8.24
N LEU B 304 12.13 -25.83 9.14
CA LEU B 304 12.73 -25.34 10.41
C LEU B 304 14.01 -24.58 10.27
N PRO B 305 14.97 -25.11 9.49
CA PRO B 305 16.22 -24.36 9.28
C PRO B 305 16.05 -23.07 8.52
N ALA B 306 15.02 -23.00 7.68
CA ALA B 306 14.69 -21.79 6.97
C ALA B 306 13.91 -20.80 7.86
N PHE B 307 13.32 -21.28 8.96
CA PHE B 307 12.51 -20.41 9.83
C PHE B 307 13.18 -20.01 11.13
N GLN B 308 13.95 -20.92 11.72
CA GLN B 308 14.63 -20.63 12.98
C GLN B 308 16.03 -20.08 12.71
N ASN B 309 16.77 -20.75 11.81
CA ASN B 309 18.01 -20.21 11.17
C ASN B 309 19.35 -20.57 11.84
N ASP B 310 19.33 -20.84 13.14
CA ASP B 310 20.42 -21.57 13.79
C ASP B 310 19.85 -22.90 14.29
N PHE B 311 18.95 -23.49 13.52
CA PHE B 311 18.33 -24.76 13.90
C PHE B 311 19.34 -25.87 13.68
N GLU B 312 20.15 -25.74 12.63
CA GLU B 312 21.06 -26.82 12.22
C GLU B 312 22.11 -27.11 13.29
N ASN B 313 22.38 -26.08 14.08
CA ASN B 313 23.40 -26.13 15.11
C ASN B 313 22.95 -26.80 16.42
N LEU B 314 21.71 -27.31 16.46
CA LEU B 314 21.19 -28.06 17.61
C LEU B 314 21.50 -29.54 17.57
N SER B 315 21.53 -30.16 18.75
CA SER B 315 21.87 -31.55 18.88
C SER B 315 20.77 -32.42 18.30
N THR B 316 21.14 -33.60 17.80
CA THR B 316 20.22 -34.49 17.11
C THR B 316 19.00 -34.79 17.97
N GLU B 317 19.26 -34.95 19.27
CA GLU B 317 18.23 -35.04 20.30
C GLU B 317 17.25 -33.89 20.23
N GLU B 318 17.78 -32.67 20.34
CA GLU B 318 16.97 -31.46 20.49
C GLU B 318 16.10 -31.26 19.26
N LYS B 319 16.69 -31.48 18.09
CA LYS B 319 15.97 -31.38 16.84
C LYS B 319 14.82 -32.34 16.77
N SER B 320 15.08 -33.57 17.19
CA SER B 320 14.10 -34.64 17.10
C SER B 320 12.91 -34.36 18.03
N ILE B 321 13.19 -33.84 19.20
CA ILE B 321 12.16 -33.41 20.13
C ILE B 321 11.30 -32.28 19.55
N ILE B 322 11.95 -31.30 18.92
CA ILE B 322 11.23 -30.19 18.30
C ILE B 322 10.32 -30.65 17.14
N LYS B 323 10.87 -31.51 16.28
CA LYS B 323 10.14 -32.11 15.18
C LYS B 323 8.90 -32.84 15.65
N GLU B 324 9.07 -33.72 16.64
CA GLU B 324 7.97 -34.50 17.21
C GLU B 324 6.85 -33.59 17.76
N GLU B 325 7.25 -32.54 18.47
CA GLU B 325 6.31 -31.54 18.98
C GLU B 325 5.57 -30.80 17.87
N MET B 326 6.30 -30.43 16.82
CA MET B 326 5.69 -29.75 15.70
C MET B 326 4.68 -30.65 14.95
N LEU B 327 4.96 -31.96 14.87
CA LEU B 327 4.01 -32.90 14.26
C LEU B 327 2.65 -32.91 15.01
N LEU B 328 2.69 -32.90 16.32
CA LEU B 328 1.46 -32.77 17.12
C LEU B 328 0.79 -31.45 16.84
N GLU B 329 1.56 -30.37 16.98
CA GLU B 329 1.06 -29.00 16.70
C GLU B 329 0.28 -28.90 15.37
N VAL B 330 0.86 -29.39 14.26
CA VAL B 330 0.27 -29.13 12.92
C VAL B 330 -0.90 -30.02 12.61
N ASN B 331 -0.86 -31.25 13.11
CA ASN B 331 -1.96 -32.20 12.90
C ASN B 331 -3.17 -31.81 13.73
N ARG B 332 -2.95 -31.24 14.89
CA ARG B 332 -4.07 -30.64 15.61
C ARG B 332 -4.62 -29.42 14.92
N PHE B 333 -3.76 -28.51 14.50
CA PHE B 333 -4.29 -27.32 13.76
C PHE B 333 -4.97 -27.70 12.46
N ALA B 334 -4.60 -28.84 11.88
CA ALA B 334 -5.29 -29.32 10.71
C ALA B 334 -6.80 -29.45 10.90
N LEU B 335 -7.22 -29.73 12.13
CA LEU B 335 -8.64 -29.81 12.41
C LEU B 335 -9.37 -28.49 12.11
N ALA B 336 -8.69 -27.37 12.41
CA ALA B 336 -9.24 -26.03 12.20
C ALA B 336 -9.35 -25.66 10.70
N SER B 337 -8.49 -26.23 9.86
CA SER B 337 -8.62 -26.06 8.41
C SER B 337 -9.95 -26.70 7.93
N HIS B 338 -10.20 -27.96 8.31
CA HIS B 338 -11.43 -28.63 7.94
C HIS B 338 -12.61 -27.85 8.43
N PHE B 339 -12.56 -27.40 9.67
CA PHE B 339 -13.72 -26.84 10.32
C PHE B 339 -13.99 -25.45 9.69
N LEU B 340 -12.97 -24.64 9.55
CA LEU B 340 -13.12 -23.32 8.91
C LEU B 340 -13.64 -23.40 7.46
N TRP B 341 -12.97 -24.20 6.64
CA TRP B 341 -13.37 -24.29 5.22
C TRP B 341 -14.67 -25.05 5.04
N GLY B 342 -14.97 -25.98 5.93
CA GLY B 342 -16.31 -26.61 5.98
C GLY B 342 -17.40 -25.58 6.15
N LEU B 343 -17.29 -24.73 7.18
CA LEU B 343 -18.31 -23.68 7.45
C LEU B 343 -18.40 -22.66 6.32
N TRP B 344 -17.23 -22.20 5.88
CA TRP B 344 -17.13 -21.24 4.78
C TRP B 344 -17.87 -21.76 3.56
N SER B 345 -17.69 -23.04 3.28
CA SER B 345 -18.26 -23.68 2.11
C SER B 345 -19.82 -23.76 2.17
N ILE B 346 -20.35 -23.99 3.37
CA ILE B 346 -21.79 -23.92 3.59
C ILE B 346 -22.39 -22.55 3.27
N VAL B 347 -21.73 -21.50 3.73
CA VAL B 347 -22.15 -20.16 3.42
C VAL B 347 -22.04 -19.89 1.90
N GLN B 348 -20.98 -20.36 1.25
CA GLN B 348 -20.83 -20.13 -0.20
C GLN B 348 -21.95 -20.75 -1.01
N ALA B 349 -22.51 -21.83 -0.50
CA ALA B 349 -23.63 -22.52 -1.13
C ALA B 349 -24.89 -21.67 -1.24
N LYS B 350 -25.04 -20.73 -0.32
CA LYS B 350 -26.14 -19.81 -0.37
C LYS B 350 -25.82 -18.67 -1.37
N ILE B 351 -24.64 -18.06 -1.25
CA ILE B 351 -24.37 -16.77 -1.89
C ILE B 351 -23.51 -16.75 -3.15
N SER B 352 -22.87 -17.85 -3.54
CA SER B 352 -21.99 -17.80 -4.74
C SER B 352 -22.62 -18.33 -6.01
N SER B 353 -22.29 -17.71 -7.13
CA SER B 353 -22.80 -18.09 -8.46
C SER B 353 -21.89 -19.11 -9.17
N ILE B 354 -20.67 -19.21 -8.69
CA ILE B 354 -19.68 -20.18 -9.16
C ILE B 354 -20.23 -21.61 -9.11
N GLU B 355 -20.03 -22.36 -10.18
CA GLU B 355 -20.52 -23.70 -10.26
C GLU B 355 -19.55 -24.62 -9.54
N PHE B 356 -19.97 -25.11 -8.37
CA PHE B 356 -19.11 -25.94 -7.50
C PHE B 356 -20.01 -26.59 -6.45
N GLY B 357 -19.79 -27.89 -6.17
CA GLY B 357 -20.51 -28.61 -5.12
C GLY B 357 -20.12 -28.24 -3.69
N TYR B 358 -20.58 -27.08 -3.25
CA TYR B 358 -20.19 -26.49 -1.98
C TYR B 358 -20.61 -27.35 -0.82
N MET B 359 -21.82 -27.94 -0.90
CA MET B 359 -22.40 -28.71 0.19
C MET B 359 -21.67 -30.06 0.30
N ASP B 360 -21.40 -30.71 -0.84
CA ASP B 360 -20.62 -31.96 -0.82
C ASP B 360 -19.20 -31.76 -0.35
N TYR B 361 -18.61 -30.63 -0.71
CA TYR B 361 -17.28 -30.25 -0.26
C TYR B 361 -17.31 -30.07 1.24
N ALA B 362 -18.30 -29.34 1.74
CA ALA B 362 -18.48 -29.17 3.18
C ALA B 362 -18.51 -30.54 3.89
N GLN B 363 -19.31 -31.45 3.40
CA GLN B 363 -19.41 -32.79 4.01
C GLN B 363 -18.07 -33.53 3.96
N ALA B 364 -17.34 -33.37 2.86
CA ALA B 364 -16.01 -33.95 2.74
C ALA B 364 -15.05 -33.43 3.84
N ARG B 365 -15.07 -32.13 4.09
CA ARG B 365 -14.17 -31.57 5.08
C ARG B 365 -14.58 -32.03 6.45
N PHE B 366 -15.90 -32.11 6.71
CA PHE B 366 -16.36 -32.58 8.02
C PHE B 366 -16.10 -34.08 8.29
N ASP B 367 -16.22 -34.91 7.27
CA ASP B 367 -15.76 -36.30 7.35
C ASP B 367 -14.29 -36.40 7.70
N ALA B 368 -13.46 -35.56 7.08
CA ALA B 368 -12.05 -35.64 7.33
C ALA B 368 -11.74 -35.16 8.76
N TYR B 369 -12.52 -34.17 9.25
CA TYR B 369 -12.35 -33.61 10.60
C TYR B 369 -12.49 -34.75 11.64
N PHE B 370 -13.56 -35.51 11.51
CA PHE B 370 -13.86 -36.61 12.43
C PHE B 370 -12.92 -37.80 12.23
N HIS B 371 -12.48 -38.06 11.00
CA HIS B 371 -11.46 -39.09 10.82
C HIS B 371 -10.15 -38.65 11.53
N GLN B 372 -9.76 -37.41 11.30
CA GLN B 372 -8.54 -36.90 11.88
C GLN B 372 -8.61 -36.88 13.43
N LYS B 373 -9.74 -36.50 14.00
CA LYS B 373 -9.92 -36.59 15.44
C LYS B 373 -9.65 -37.98 15.95
N ARG B 374 -10.28 -38.94 15.30
CA ARG B 374 -10.05 -40.32 15.64
C ARG B 374 -8.58 -40.72 15.53
N LYS B 375 -7.89 -40.29 14.46
CA LYS B 375 -6.46 -40.59 14.27
C LYS B 375 -5.66 -40.13 15.47
N LEU B 376 -5.95 -38.90 15.93
CA LEU B 376 -5.25 -38.29 17.04
C LEU B 376 -5.65 -38.84 18.44
N GLY B 377 -6.80 -39.48 18.56
CA GLY B 377 -7.32 -39.88 19.86
C GLY B 377 -7.80 -38.67 20.66
N VAL B 378 -8.32 -37.68 19.94
CA VAL B 378 -8.80 -36.45 20.57
C VAL B 378 -10.32 -36.36 20.48
#